data_9D3M
#
_entry.id   9D3M
#
_cell.length_a   1.00
_cell.length_b   1.00
_cell.length_c   1.00
_cell.angle_alpha   90.00
_cell.angle_beta   90.00
_cell.angle_gamma   90.00
#
_symmetry.space_group_name_H-M   'P 1'
#
loop_
_entity.id
_entity.type
_entity.pdbx_description
1 polymer '5S rDNA (noncoding strand)'
2 polymer '5S rDNA (coding strand)'
3 polymer 'Histone H3.2'
4 polymer 'Histone H4'
5 polymer 'Histone H2A type 2-A'
6 polymer 'Histone H2B type 1-M'
7 polymer 'Non-histone chromosomal protein HMG-17'
#
loop_
_entity_poly.entity_id
_entity_poly.type
_entity_poly.pdbx_seq_one_letter_code
_entity_poly.pdbx_strand_id
1 'polydeoxyribonucleotide'
;(DA)(DA)(DG)(DA)(DC)(DC)(DC)(DT)(DG)(DG)(DC)(DA)(DT)(DG)(DG)(DG)(DG)(DA)(DG)(DG)
(DA)(DG)(DC)(DT)(DG)(DG)(DG)(DC)(DC)(DC)(DC)(DC)(DC)(DC)(DC)(DA)(DG)(DA)(DA)(DG)
(DG)(DC)(DA)(DG)(DC)(DA)(DC)(DA)(DA)(DG)(DG)(DG)(DG)(DA)(DG)(DG)(DA)(DA)(DA)(DA)
(DG)(DT)(DC)(DA)(DG)(DC)(DC)(DT)(DT)(DG)(DT)(DG)(DC)(DT)(DC)(DG)(DC)(DC)(DT)(DA)
(DC)(DG)(DG)(DC)(DC)(DA)(DT)(DA)(DC)(DC)(DA)(DC)(DC)(DC)(DT)(DG)(DA)(DA)(DA)(DG)
(DT)
;
I
2 'polydeoxyribonucleotide'
;(DA)(DC)(DT)(DT)(DT)(DC)(DA)(DG)(DG)(DG)(DT)(DG)(DG)(DT)(DA)(DT)(DG)(DG)(DC)(DC)
(DG)(DT)(DA)(DG)(DG)(DC)(DG)(DA)(DG)(DC)(DA)(DC)(DA)(DA)(DG)(DG)(DC)(DT)(DG)(DA)
(DC)(DT)(DT)(DT)(DT)(DC)(DC)(DT)(DC)(DC)(DC)(DC)(DT)(DT)(DG)(DT)(DG)(DC)(DT)(DG)
(DC)(DC)(DT)(DT)(DC)(DT)(DG)(DG)(DG)(DG)(DG)(DG)(DG)(DG)(DC)(DC)(DC)(DA)(DG)(DC)
(DT)(DC)(DC)(DT)(DC)(DC)(DC)(DC)(DA)(DT)(DG)(DC)(DC)(DA)(DG)(DG)(DG)(DT)(DC)(DT)
(DT)
;
J
3 'polypeptide(L)'
;KPHRYRPGTVALREIRRYQKSTELLIRKLPFQRLVREIAQDFKTDLRFQSSAVMALQEASEAYLVGLFEDTNLCAIHAKR
VTIMPKDIQLARRIRGERA
;
A,E
4 'polypeptide(L)'
;VLRDNIQGITKPAIRRLARRGGVKRISGLIYEETRGVLKVFLENVIRDAVTYTEHAKRKTVTAMDVVYALKRQGRTLYGF
GG
;
B,F
5 'polypeptide(L)'
;KSRSSRAGLQFPVGRVHRLLRKGNYAERVGAGAPVYMAAVLEYLTAEILELAGNAARDNKKTRIIPRHLQLAIRNDEELN
KLLGKVTIAQGGVLPNIQAVLLP
;
C,G
6 'polypeptide(L)'
;RSRKESYSVYVYKVLKQVHPDTGISSKAMGIMNSFVNDIFERIAGEASRLAHYNKRSTITSREIQTAVRLLLPGELAKHA
VSEGTKAVTKYTS
;
D,H
7 'polypeptide(L)' RRSARL K,L
#
# COMPACT_ATOMS: atom_id res chain seq x y z
N LYS C 1 24.21 37.06 37.19
CA LYS C 1 23.65 35.82 36.67
C LYS C 1 24.35 35.40 35.38
N PRO C 2 24.46 34.09 35.16
CA PRO C 2 25.04 33.61 33.90
C PRO C 2 24.10 33.84 32.73
N HIS C 3 24.66 33.80 31.53
CA HIS C 3 23.86 33.96 30.33
C HIS C 3 22.86 32.83 30.17
N ARG C 4 21.63 33.18 29.82
CA ARG C 4 20.57 32.22 29.55
C ARG C 4 20.05 32.46 28.14
N TYR C 5 20.06 31.42 27.32
CA TYR C 5 19.61 31.54 25.94
C TYR C 5 18.11 31.84 25.89
N ARG C 6 17.70 32.63 24.90
CA ARG C 6 16.29 32.92 24.74
C ARG C 6 15.53 31.64 24.37
N PRO C 7 14.36 31.41 24.96
CA PRO C 7 13.62 30.17 24.67
C PRO C 7 13.30 30.05 23.19
N GLY C 8 13.87 29.03 22.56
CA GLY C 8 13.61 28.74 21.17
C GLY C 8 14.85 28.53 20.32
N THR C 9 15.92 29.29 20.55
CA THR C 9 17.12 29.12 19.72
C THR C 9 17.80 27.79 20.02
N VAL C 10 17.74 27.32 21.27
CA VAL C 10 18.25 26.01 21.59
C VAL C 10 17.46 24.94 20.85
N ALA C 11 16.18 25.21 20.56
CA ALA C 11 15.38 24.26 19.80
C ALA C 11 15.90 24.13 18.37
N LEU C 12 16.24 25.23 17.70
CA LEU C 12 16.83 25.12 16.38
C LEU C 12 18.20 24.46 16.44
N ARG C 13 18.97 24.75 17.49
CA ARG C 13 20.27 24.09 17.64
C ARG C 13 20.09 22.57 17.73
N GLU C 14 19.16 22.11 18.56
CA GLU C 14 18.91 20.68 18.69
C GLU C 14 18.33 20.10 17.40
N ILE C 15 17.49 20.86 16.70
CA ILE C 15 16.92 20.37 15.45
C ILE C 15 18.03 20.10 14.45
N ARG C 16 18.95 21.06 14.29
CA ARG C 16 20.06 20.87 13.37
C ARG C 16 20.95 19.71 13.81
N ARG C 17 21.23 19.63 15.12
CA ARG C 17 22.11 18.57 15.61
C ARG C 17 21.51 17.19 15.36
N TYR C 18 20.22 17.02 15.59
CA TYR C 18 19.59 15.71 15.48
C TYR C 18 19.10 15.40 14.08
N GLN C 19 19.09 16.37 13.17
CA GLN C 19 18.83 16.07 11.78
C GLN C 19 20.12 15.82 11.00
N LYS C 20 21.24 16.38 11.46
CA LYS C 20 22.52 16.08 10.85
C LYS C 20 22.99 14.66 11.16
N SER C 21 22.64 14.14 12.33
CA SER C 21 23.09 12.84 12.78
C SER C 21 22.10 11.74 12.40
N THR C 22 22.60 10.51 12.36
CA THR C 22 21.80 9.35 11.99
C THR C 22 21.76 8.29 13.09
N GLU C 23 22.29 8.58 14.27
CA GLU C 23 22.31 7.62 15.35
C GLU C 23 20.89 7.36 15.86
N LEU C 24 20.70 6.19 16.47
CA LEU C 24 19.43 5.87 17.09
C LEU C 24 19.21 6.74 18.32
N LEU C 25 18.02 7.32 18.43
CA LEU C 25 17.72 8.31 19.46
C LEU C 25 17.05 7.71 20.68
N ILE C 26 16.87 6.39 20.74
CA ILE C 26 16.32 5.72 21.90
C ILE C 26 17.39 4.80 22.47
N ARG C 27 17.52 4.79 23.79
CA ARG C 27 18.48 3.90 24.44
C ARG C 27 18.16 2.45 24.10
N LYS C 28 19.20 1.68 23.80
CA LYS C 28 19.00 0.33 23.25
C LYS C 28 18.41 -0.62 24.29
N LEU C 29 18.91 -0.60 25.51
CA LEU C 29 18.42 -1.55 26.50
C LEU C 29 16.96 -1.35 26.87
N PRO C 30 16.47 -0.13 27.15
CA PRO C 30 15.04 0.03 27.41
C PRO C 30 14.16 -0.41 26.26
N PHE C 31 14.56 -0.13 25.02
CA PHE C 31 13.78 -0.57 23.88
C PHE C 31 13.80 -2.08 23.76
N GLN C 32 14.94 -2.71 24.01
CA GLN C 32 15.03 -4.17 23.96
C GLN C 32 14.13 -4.80 25.00
N ARG C 33 14.12 -4.25 26.21
CA ARG C 33 13.21 -4.73 27.25
C ARG C 33 11.76 -4.58 26.83
N LEU C 34 11.42 -3.43 26.24
CA LEU C 34 10.05 -3.21 25.78
C LEU C 34 9.65 -4.21 24.71
N VAL C 35 10.54 -4.47 23.74
CA VAL C 35 10.25 -5.41 22.67
C VAL C 35 10.05 -6.81 23.24
N ARG C 36 10.92 -7.23 24.17
CA ARG C 36 10.75 -8.54 24.78
C ARG C 36 9.47 -8.63 25.59
N GLU C 37 9.03 -7.52 26.21
CA GLU C 37 7.82 -7.56 27.00
C GLU C 37 6.57 -7.63 26.12
N ILE C 38 6.56 -6.88 25.01
CA ILE C 38 5.42 -6.95 24.10
C ILE C 38 5.30 -8.34 23.50
N ALA C 39 6.42 -8.90 23.03
CA ALA C 39 6.39 -10.22 22.40
C ALA C 39 6.05 -11.32 23.38
N GLN C 40 6.24 -11.09 24.68
CA GLN C 40 5.86 -12.09 25.67
C GLN C 40 4.37 -12.35 25.66
N ASP C 41 3.57 -11.35 25.27
CA ASP C 41 2.12 -11.51 25.24
C ASP C 41 1.65 -12.38 24.09
N PHE C 42 2.51 -12.63 23.09
CA PHE C 42 2.15 -13.46 21.95
C PHE C 42 2.60 -14.90 22.12
N LYS C 43 3.90 -15.11 22.32
CA LYS C 43 4.44 -16.44 22.57
C LYS C 43 5.48 -16.34 23.68
N THR C 44 5.41 -17.27 24.63
CA THR C 44 6.34 -17.28 25.74
C THR C 44 7.67 -17.91 25.31
N ASP C 45 8.72 -17.62 26.10
CA ASP C 45 10.05 -18.20 25.91
C ASP C 45 10.57 -17.97 24.49
N LEU C 46 10.33 -16.78 23.98
CA LEU C 46 10.87 -16.40 22.67
C LEU C 46 12.33 -15.98 22.81
N ARG C 47 13.01 -15.94 21.68
CA ARG C 47 14.38 -15.45 21.61
C ARG C 47 14.49 -14.47 20.45
N PHE C 48 15.40 -13.52 20.58
CA PHE C 48 15.54 -12.45 19.60
C PHE C 48 16.98 -12.37 19.14
N GLN C 49 17.17 -12.35 17.83
CA GLN C 49 18.47 -12.01 17.28
C GLN C 49 18.78 -10.54 17.56
N SER C 50 20.06 -10.22 17.67
CA SER C 50 20.45 -8.84 17.87
C SER C 50 20.01 -7.97 16.70
N SER C 51 20.15 -8.49 15.48
CA SER C 51 19.69 -7.77 14.30
C SER C 51 18.16 -7.67 14.26
N ALA C 52 17.46 -8.61 14.89
CA ALA C 52 16.00 -8.50 14.96
C ALA C 52 15.57 -7.27 15.75
N VAL C 53 16.14 -7.10 16.95
CA VAL C 53 15.82 -5.92 17.74
C VAL C 53 16.36 -4.66 17.09
N MET C 54 17.51 -4.75 16.42
CA MET C 54 18.02 -3.58 15.71
C MET C 54 17.06 -3.16 14.59
N ALA C 55 16.53 -4.12 13.84
CA ALA C 55 15.57 -3.81 12.78
C ALA C 55 14.29 -3.23 13.36
N LEU C 56 13.80 -3.79 14.46
CA LEU C 56 12.61 -3.24 15.10
C LEU C 56 12.84 -1.80 15.54
N GLN C 57 14.02 -1.53 16.12
CA GLN C 57 14.32 -0.17 16.57
C GLN C 57 14.43 0.79 15.40
N GLU C 58 15.10 0.38 14.32
CA GLU C 58 15.24 1.26 13.16
C GLU C 58 13.88 1.58 12.57
N ALA C 59 13.03 0.57 12.42
CA ALA C 59 11.69 0.80 11.88
C ALA C 59 10.88 1.72 12.79
N SER C 60 10.91 1.46 14.09
CA SER C 60 10.13 2.26 15.03
C SER C 60 10.59 3.71 15.03
N GLU C 61 11.89 3.95 15.02
CA GLU C 61 12.38 5.31 15.07
C GLU C 61 12.10 6.06 13.77
N ALA C 62 12.24 5.39 12.63
CA ALA C 62 11.87 6.04 11.37
C ALA C 62 10.38 6.36 11.34
N TYR C 63 9.55 5.44 11.81
CA TYR C 63 8.11 5.68 11.85
C TYR C 63 7.77 6.85 12.75
N LEU C 64 8.40 6.93 13.92
CA LEU C 64 8.11 8.02 14.85
C LEU C 64 8.59 9.36 14.30
N VAL C 65 9.74 9.38 13.63
CA VAL C 65 10.21 10.63 13.03
C VAL C 65 9.26 11.10 11.94
N GLY C 66 8.78 10.17 11.10
CA GLY C 66 7.80 10.56 10.08
C GLY C 66 6.50 11.05 10.68
N LEU C 67 6.03 10.38 11.74
CA LEU C 67 4.81 10.80 12.40
C LEU C 67 4.97 12.18 13.02
N PHE C 68 6.15 12.47 13.56
CA PHE C 68 6.37 13.79 14.13
C PHE C 68 6.46 14.86 13.06
N GLU C 69 6.99 14.54 11.88
CA GLU C 69 6.93 15.49 10.77
C GLU C 69 5.48 15.82 10.41
N ASP C 70 4.65 14.77 10.30
CA ASP C 70 3.24 15.01 9.98
C ASP C 70 2.54 15.80 11.08
N THR C 71 2.84 15.49 12.34
CA THR C 71 2.25 16.22 13.46
C THR C 71 2.68 17.69 13.44
N ASN C 72 3.93 17.95 13.09
CA ASN C 72 4.39 19.33 12.99
C ASN C 72 3.64 20.07 11.88
N LEU C 73 3.38 19.39 10.76
CA LEU C 73 2.58 20.00 9.71
C LEU C 73 1.17 20.32 10.19
N CYS C 74 0.57 19.40 10.93
CA CYS C 74 -0.78 19.64 11.47
C CYS C 74 -0.77 20.80 12.46
N ALA C 75 0.29 20.92 13.26
CA ALA C 75 0.40 22.04 14.19
C ALA C 75 0.54 23.37 13.47
N ILE C 76 1.39 23.41 12.44
CA ILE C 76 1.56 24.64 11.66
C ILE C 76 0.25 25.02 10.98
N HIS C 77 -0.54 24.03 10.57
CA HIS C 77 -1.82 24.32 9.96
C HIS C 77 -2.73 25.09 10.91
N ALA C 78 -2.75 24.71 12.19
CA ALA C 78 -3.62 25.33 13.18
C ALA C 78 -3.02 26.60 13.77
N LYS C 79 -2.02 27.20 13.10
CA LYS C 79 -1.40 28.44 13.55
C LYS C 79 -0.78 28.28 14.95
N ARG C 80 0.11 27.31 15.06
CA ARG C 80 0.74 26.98 16.33
C ARG C 80 2.14 26.45 16.07
N VAL C 81 2.96 26.49 17.11
CA VAL C 81 4.26 25.82 17.08
C VAL C 81 4.36 24.69 18.10
N THR C 82 3.52 24.67 19.12
CA THR C 82 3.49 23.59 20.09
C THR C 82 2.63 22.45 19.55
N ILE C 83 3.22 21.28 19.36
CA ILE C 83 2.47 20.13 18.92
C ILE C 83 1.69 19.56 20.11
N MET C 84 0.47 19.13 19.85
CA MET C 84 -0.45 18.64 20.86
C MET C 84 -0.95 17.25 20.49
N PRO C 85 -1.53 16.51 21.44
CA PRO C 85 -2.07 15.19 21.08
C PRO C 85 -3.09 15.22 19.97
N LYS C 86 -3.90 16.27 19.87
CA LYS C 86 -4.86 16.35 18.77
C LYS C 86 -4.17 16.40 17.42
N ASP C 87 -2.97 16.99 17.36
CA ASP C 87 -2.21 16.98 16.12
C ASP C 87 -1.78 15.57 15.73
N ILE C 88 -1.31 14.80 16.71
CA ILE C 88 -0.95 13.41 16.46
C ILE C 88 -2.17 12.63 16.00
N GLN C 89 -3.31 12.85 16.65
CA GLN C 89 -4.52 12.12 16.29
C GLN C 89 -4.98 12.48 14.89
N LEU C 90 -4.90 13.75 14.50
CA LEU C 90 -5.29 14.13 13.15
C LEU C 90 -4.34 13.53 12.11
N ALA C 91 -3.04 13.58 12.37
CA ALA C 91 -2.09 13.01 11.42
C ALA C 91 -2.32 11.51 11.25
N ARG C 92 -2.54 10.81 12.36
CA ARG C 92 -2.81 9.38 12.27
C ARG C 92 -4.14 9.11 11.56
N ARG C 93 -5.16 9.92 11.81
CA ARG C 93 -6.46 9.69 11.18
C ARG C 93 -6.38 9.89 9.68
N ILE C 94 -5.70 10.94 9.22
CA ILE C 94 -5.55 11.13 7.79
C ILE C 94 -4.64 10.05 7.20
N ARG C 95 -3.66 9.58 7.94
CA ARG C 95 -2.83 8.47 7.47
C ARG C 95 -3.58 7.15 7.41
N GLY C 96 -4.77 7.07 7.98
CA GLY C 96 -5.55 5.85 7.94
C GLY C 96 -5.22 4.83 9.01
N GLU C 97 -4.44 5.21 10.02
CA GLU C 97 -4.07 4.27 11.07
C GLU C 97 -5.19 4.05 12.08
N ARG C 98 -6.01 5.07 12.35
CA ARG C 98 -7.07 4.93 13.32
C ARG C 98 -8.25 4.11 12.78
N ALA C 99 -8.48 4.16 11.47
CA ALA C 99 -9.55 3.39 10.82
C ALA C 99 -10.92 3.66 11.45
N VAL D 1 9.53 -7.67 37.83
CA VAL D 1 8.97 -8.43 36.72
C VAL D 1 9.03 -7.61 35.44
N LEU D 2 8.84 -8.28 34.31
CA LEU D 2 8.90 -7.63 32.99
C LEU D 2 7.60 -6.90 32.70
N ARG D 3 7.44 -5.75 33.36
CA ARG D 3 6.25 -4.92 33.21
C ARG D 3 6.67 -3.46 33.21
N ASP D 4 5.83 -2.64 32.57
CA ASP D 4 6.00 -1.18 32.56
C ASP D 4 7.39 -0.76 32.08
N ASN D 5 7.86 -1.45 31.04
CA ASN D 5 9.10 -1.03 30.37
C ASN D 5 8.85 0.02 29.31
N ILE D 6 7.60 0.39 29.07
CA ILE D 6 7.30 1.47 28.13
C ILE D 6 7.74 2.81 28.68
N GLN D 7 7.92 2.92 30.00
CA GLN D 7 8.50 4.12 30.58
C GLN D 7 9.98 4.27 30.26
N GLY D 8 10.62 3.22 29.76
CA GLY D 8 11.97 3.32 29.25
C GLY D 8 12.10 4.16 28.00
N ILE D 9 10.98 4.48 27.36
CA ILE D 9 10.96 5.48 26.29
C ILE D 9 10.76 6.82 26.99
N THR D 10 11.86 7.38 27.47
CA THR D 10 11.81 8.51 28.39
C THR D 10 11.41 9.79 27.65
N LYS D 11 11.10 10.82 28.44
CA LYS D 11 10.81 12.12 27.86
C LYS D 11 11.95 12.67 27.03
N PRO D 12 13.22 12.63 27.46
CA PRO D 12 14.29 13.12 26.58
C PRO D 12 14.40 12.36 25.27
N ALA D 13 14.12 11.06 25.28
CA ALA D 13 14.22 10.27 24.06
C ALA D 13 13.17 10.68 23.04
N ILE D 14 11.94 10.92 23.50
CA ILE D 14 10.88 11.37 22.60
C ILE D 14 11.17 12.77 22.07
N ARG D 15 11.78 13.62 22.90
CA ARG D 15 12.16 14.96 22.45
C ARG D 15 13.22 14.88 21.35
N ARG D 16 14.15 13.93 21.45
CA ARG D 16 15.12 13.73 20.39
C ARG D 16 14.44 13.28 19.10
N LEU D 17 13.49 12.36 19.21
CA LEU D 17 12.75 11.92 18.02
C LEU D 17 11.95 13.07 17.44
N ALA D 18 11.35 13.89 18.29
CA ALA D 18 10.60 15.05 17.82
C ALA D 18 11.52 16.09 17.20
N ARG D 19 12.72 16.27 17.76
CA ARG D 19 13.65 17.26 17.22
C ARG D 19 14.12 16.87 15.82
N ARG D 20 14.30 15.57 15.58
CA ARG D 20 14.68 15.14 14.24
C ARG D 20 13.55 15.37 13.24
N GLY D 21 12.31 15.39 13.72
CA GLY D 21 11.17 15.69 12.89
C GLY D 21 10.87 17.15 12.68
N GLY D 22 11.67 18.04 13.26
CA GLY D 22 11.51 19.47 13.06
C GLY D 22 10.70 20.19 14.12
N VAL D 23 10.22 19.48 15.14
CA VAL D 23 9.38 20.09 16.16
C VAL D 23 10.23 21.00 17.05
N LYS D 24 9.67 22.15 17.43
CA LYS D 24 10.34 23.09 18.33
C LYS D 24 9.76 23.02 19.73
N ARG D 25 8.45 23.15 19.84
CA ARG D 25 7.77 23.17 21.13
C ARG D 25 6.90 21.93 21.23
N ILE D 26 7.01 21.23 22.36
CA ILE D 26 6.33 19.96 22.57
C ILE D 26 5.47 20.08 23.81
N SER D 27 4.18 19.79 23.66
CA SER D 27 3.27 19.84 24.80
C SER D 27 3.56 18.70 25.76
N GLY D 28 3.20 18.92 27.03
CA GLY D 28 3.47 17.94 28.05
C GLY D 28 2.72 16.64 27.90
N LEU D 29 1.57 16.67 27.23
CA LEU D 29 0.79 15.47 27.02
C LEU D 29 1.25 14.66 25.81
N ILE D 30 2.27 15.13 25.10
CA ILE D 30 2.74 14.42 23.93
C ILE D 30 3.38 13.10 24.32
N TYR D 31 4.13 13.09 25.42
CA TYR D 31 4.92 11.92 25.78
C TYR D 31 4.05 10.70 26.04
N GLU D 32 2.93 10.88 26.75
CA GLU D 32 1.99 9.77 26.90
C GLU D 32 1.41 9.35 25.56
N GLU D 33 1.15 10.33 24.68
CA GLU D 33 0.59 10.00 23.37
C GLU D 33 1.59 9.24 22.51
N THR D 34 2.87 9.66 22.52
CA THR D 34 3.87 9.00 21.71
C THR D 34 4.12 7.57 22.20
N ARG D 35 4.04 7.35 23.51
CA ARG D 35 4.21 6.00 24.03
C ARG D 35 3.06 5.10 23.62
N GLY D 36 1.84 5.64 23.59
CA GLY D 36 0.71 4.85 23.11
C GLY D 36 0.80 4.53 21.63
N VAL D 37 1.32 5.47 20.84
CA VAL D 37 1.47 5.24 19.41
C VAL D 37 2.52 4.16 19.16
N LEU D 38 3.66 4.26 19.86
CA LEU D 38 4.75 3.32 19.64
C LEU D 38 4.35 1.90 20.04
N LYS D 39 3.62 1.76 21.15
CA LYS D 39 3.21 0.43 21.58
C LYS D 39 2.29 -0.22 20.56
N VAL D 40 1.39 0.55 19.95
CA VAL D 40 0.51 0.00 18.92
C VAL D 40 1.32 -0.43 17.70
N PHE D 41 2.27 0.40 17.29
CA PHE D 41 3.11 0.05 16.14
C PHE D 41 3.94 -1.19 16.41
N LEU D 42 4.55 -1.26 17.59
CA LEU D 42 5.36 -2.42 17.93
C LEU D 42 4.51 -3.67 18.04
N GLU D 43 3.32 -3.56 18.62
CA GLU D 43 2.44 -4.71 18.74
C GLU D 43 2.05 -5.26 17.38
N ASN D 44 1.91 -4.39 16.39
CA ASN D 44 1.51 -4.82 15.06
C ASN D 44 2.63 -5.59 14.36
N VAL D 45 3.85 -5.05 14.38
CA VAL D 45 4.96 -5.69 13.70
C VAL D 45 5.37 -6.97 14.42
N ILE D 46 5.43 -6.92 15.75
CA ILE D 46 5.86 -8.08 16.51
C ILE D 46 4.87 -9.23 16.37
N ARG D 47 3.58 -8.92 16.26
CA ARG D 47 2.59 -9.97 16.07
C ARG D 47 2.84 -10.73 14.77
N ASP D 48 3.14 -10.01 13.69
CA ASP D 48 3.38 -10.66 12.41
C ASP D 48 4.75 -11.33 12.38
N ALA D 49 5.75 -10.72 13.02
CA ALA D 49 7.07 -11.32 13.06
C ALA D 49 7.06 -12.65 13.79
N VAL D 50 6.33 -12.72 14.90
CA VAL D 50 6.22 -13.99 15.64
C VAL D 50 5.44 -15.01 14.82
N THR D 51 4.42 -14.57 14.09
CA THR D 51 3.64 -15.48 13.27
C THR D 51 4.52 -16.16 12.22
N TYR D 52 5.43 -15.41 11.62
CA TYR D 52 6.40 -16.01 10.71
C TYR D 52 7.30 -16.99 11.45
N THR D 53 7.66 -16.67 12.68
CA THR D 53 8.59 -17.51 13.44
C THR D 53 7.95 -18.83 13.83
N GLU D 54 6.73 -18.81 14.35
CA GLU D 54 6.08 -20.08 14.67
C GLU D 54 5.72 -20.88 13.43
N HIS D 55 5.59 -20.26 12.27
CA HIS D 55 5.33 -21.02 11.06
C HIS D 55 6.50 -21.91 10.71
N ALA D 56 7.72 -21.40 10.82
CA ALA D 56 8.92 -22.19 10.59
C ALA D 56 9.26 -23.10 11.76
N LYS D 57 8.39 -23.13 12.78
CA LYS D 57 8.60 -23.93 13.98
C LYS D 57 9.92 -23.56 14.66
N ARG D 58 10.25 -22.28 14.63
CA ARG D 58 11.44 -21.74 15.25
C ARG D 58 11.09 -21.11 16.59
N LYS D 59 12.13 -20.83 17.39
CA LYS D 59 11.95 -20.15 18.66
C LYS D 59 12.64 -18.80 18.73
N THR D 60 13.55 -18.49 17.81
CA THR D 60 14.23 -17.21 17.80
C THR D 60 13.68 -16.36 16.66
N VAL D 61 13.32 -15.13 16.97
CA VAL D 61 12.82 -14.20 15.96
C VAL D 61 14.01 -13.66 15.19
N THR D 62 14.11 -14.02 13.91
CA THR D 62 15.22 -13.61 13.08
C THR D 62 15.03 -12.17 12.61
N ALA D 63 16.12 -11.57 12.15
CA ALA D 63 16.01 -10.25 11.54
C ALA D 63 15.16 -10.29 10.28
N MET D 64 15.07 -11.45 9.62
CA MET D 64 14.31 -11.53 8.39
C MET D 64 12.81 -11.67 8.66
N ASP D 65 12.43 -12.23 9.81
CA ASP D 65 11.02 -12.22 10.19
C ASP D 65 10.52 -10.80 10.38
N VAL D 66 11.33 -9.94 11.00
CA VAL D 66 10.95 -8.55 11.18
C VAL D 66 10.83 -7.86 9.84
N VAL D 67 11.77 -8.12 8.93
CA VAL D 67 11.70 -7.52 7.60
C VAL D 67 10.44 -7.96 6.87
N TYR D 68 10.11 -9.25 6.96
CA TYR D 68 8.90 -9.75 6.34
C TYR D 68 7.66 -9.14 6.96
N ALA D 69 7.64 -9.04 8.30
CA ALA D 69 6.48 -8.45 8.97
C ALA D 69 6.32 -6.98 8.62
N LEU D 70 7.44 -6.26 8.50
CA LEU D 70 7.37 -4.86 8.08
C LEU D 70 6.90 -4.73 6.64
N LYS D 71 7.47 -5.53 5.75
CA LYS D 71 7.14 -5.41 4.33
C LYS D 71 5.67 -5.69 4.08
N ARG D 72 5.12 -6.69 4.77
CA ARG D 72 3.69 -6.96 4.64
C ARG D 72 2.86 -5.89 5.32
N GLN D 73 3.45 -5.18 6.28
CA GLN D 73 2.75 -4.08 6.95
C GLN D 73 2.67 -2.84 6.08
N GLY D 74 3.62 -2.68 5.15
CA GLY D 74 3.58 -1.57 4.22
C GLY D 74 4.89 -0.83 4.15
N ARG D 75 5.77 -1.08 5.11
CA ARG D 75 7.03 -0.35 5.24
C ARG D 75 8.18 -1.31 4.98
N THR D 76 9.05 -0.94 4.04
CA THR D 76 10.16 -1.80 3.61
C THR D 76 11.46 -1.28 4.20
N LEU D 77 12.23 -2.17 4.81
CA LEU D 77 13.44 -1.80 5.54
C LEU D 77 14.66 -2.34 4.79
N TYR D 78 15.59 -1.46 4.45
CA TYR D 78 16.78 -1.81 3.70
C TYR D 78 17.98 -1.88 4.64
N GLY D 79 18.78 -2.94 4.47
CA GLY D 79 20.00 -3.10 5.24
C GLY D 79 20.03 -4.29 6.16
N PHE D 80 19.00 -5.12 6.22
CA PHE D 80 18.99 -6.29 7.09
C PHE D 80 18.76 -7.59 6.33
N GLY D 81 18.85 -7.57 5.00
CA GLY D 81 18.66 -8.77 4.23
C GLY D 81 17.43 -8.72 3.33
N GLY D 82 17.47 -9.46 2.23
CA GLY D 82 16.36 -9.49 1.29
C GLY D 82 16.21 -10.81 0.59
N LYS E 1 -20.16 -38.64 -3.44
CA LYS E 1 -20.28 -37.32 -2.82
C LYS E 1 -19.16 -36.41 -3.29
N SER E 2 -19.52 -35.19 -3.69
CA SER E 2 -18.53 -34.23 -4.14
C SER E 2 -17.64 -33.78 -2.98
N ARG E 3 -16.47 -33.25 -3.33
CA ARG E 3 -15.50 -32.87 -2.30
C ARG E 3 -16.05 -31.83 -1.34
N SER E 4 -16.89 -30.91 -1.85
CA SER E 4 -17.50 -29.92 -0.96
C SER E 4 -18.46 -30.59 0.03
N SER E 5 -19.17 -31.63 -0.42
CA SER E 5 -20.09 -32.33 0.48
C SER E 5 -19.34 -33.01 1.62
N ARG E 6 -18.18 -33.60 1.32
CA ARG E 6 -17.41 -34.26 2.38
C ARG E 6 -16.92 -33.25 3.40
N ALA E 7 -16.47 -32.08 2.96
CA ALA E 7 -16.01 -31.04 3.87
C ALA E 7 -17.16 -30.30 4.54
N GLY E 8 -18.39 -30.47 4.06
CA GLY E 8 -19.52 -29.77 4.62
C GLY E 8 -19.70 -28.36 4.12
N LEU E 9 -19.01 -27.97 3.06
CA LEU E 9 -19.08 -26.62 2.53
C LEU E 9 -20.09 -26.53 1.40
N GLN E 10 -20.45 -25.29 1.06
CA GLN E 10 -21.25 -24.99 -0.12
C GLN E 10 -20.45 -24.25 -1.17
N PHE E 11 -19.12 -24.32 -1.09
CA PHE E 11 -18.23 -23.65 -2.01
C PHE E 11 -17.46 -24.68 -2.83
N PRO E 12 -16.95 -24.29 -4.01
CA PRO E 12 -16.35 -25.29 -4.91
C PRO E 12 -14.97 -25.75 -4.49
N VAL E 13 -14.89 -26.78 -3.67
CA VAL E 13 -13.60 -27.32 -3.26
C VAL E 13 -12.78 -27.74 -4.48
N GLY E 14 -13.43 -28.38 -5.45
CA GLY E 14 -12.73 -28.81 -6.65
C GLY E 14 -12.23 -27.67 -7.50
N ARG E 15 -13.06 -26.65 -7.71
CA ARG E 15 -12.66 -25.53 -8.55
C ARG E 15 -11.56 -24.69 -7.91
N VAL E 16 -11.58 -24.54 -6.59
CA VAL E 16 -10.52 -23.82 -5.90
C VAL E 16 -9.19 -24.55 -6.09
N HIS E 17 -9.21 -25.89 -6.01
CA HIS E 17 -8.00 -26.66 -6.25
C HIS E 17 -7.46 -26.41 -7.66
N ARG E 18 -8.35 -26.38 -8.64
CA ARG E 18 -7.93 -26.06 -10.00
C ARG E 18 -7.35 -24.65 -10.07
N LEU E 19 -7.95 -23.71 -9.34
CA LEU E 19 -7.42 -22.35 -9.30
C LEU E 19 -6.06 -22.32 -8.63
N LEU E 20 -5.88 -23.07 -7.56
CA LEU E 20 -4.58 -23.10 -6.88
C LEU E 20 -3.51 -23.70 -7.77
N ARG E 21 -3.83 -24.79 -8.48
CA ARG E 21 -2.86 -25.41 -9.38
C ARG E 21 -2.59 -24.52 -10.59
N LYS E 22 -3.62 -23.87 -11.11
CA LYS E 22 -3.45 -23.02 -12.29
C LYS E 22 -2.65 -21.77 -12.01
N GLY E 23 -2.77 -21.21 -10.81
CA GLY E 23 -2.13 -19.96 -10.48
C GLY E 23 -0.65 -20.03 -10.20
N ASN E 24 -0.06 -21.22 -10.29
CA ASN E 24 1.36 -21.47 -9.99
C ASN E 24 1.82 -20.71 -8.74
N TYR E 25 1.05 -20.88 -7.67
CA TYR E 25 1.48 -20.37 -6.37
C TYR E 25 2.59 -21.22 -5.79
N ALA E 26 2.65 -22.50 -6.18
CA ALA E 26 3.71 -23.39 -5.77
C ALA E 26 3.81 -24.53 -6.78
N GLU E 27 4.91 -25.27 -6.71
CA GLU E 27 5.09 -26.41 -7.61
C GLU E 27 4.01 -27.45 -7.38
N ARG E 28 3.63 -27.69 -6.13
CA ARG E 28 2.60 -28.65 -5.78
C ARG E 28 1.64 -28.02 -4.79
N VAL E 29 0.42 -28.53 -4.77
CA VAL E 29 -0.63 -28.04 -3.87
C VAL E 29 -1.17 -29.22 -3.09
N GLY E 30 -1.23 -29.07 -1.76
CA GLY E 30 -1.65 -30.16 -0.91
C GLY E 30 -3.12 -30.50 -1.10
N ALA E 31 -3.50 -31.64 -0.53
CA ALA E 31 -4.88 -32.08 -0.62
C ALA E 31 -5.81 -31.23 0.23
N GLY E 32 -5.39 -30.87 1.44
CA GLY E 32 -6.21 -30.08 2.33
C GLY E 32 -6.18 -28.59 2.10
N ALA E 33 -5.30 -28.10 1.23
CA ALA E 33 -5.26 -26.66 0.96
C ALA E 33 -6.54 -26.13 0.33
N PRO E 34 -7.12 -26.76 -0.71
CA PRO E 34 -8.41 -26.25 -1.22
C PRO E 34 -9.54 -26.31 -0.21
N VAL E 35 -9.55 -27.33 0.64
CA VAL E 35 -10.62 -27.46 1.63
C VAL E 35 -10.51 -26.35 2.67
N TYR E 36 -9.29 -26.02 3.09
CA TYR E 36 -9.10 -24.94 4.04
C TYR E 36 -9.47 -23.59 3.42
N MET E 37 -9.05 -23.36 2.18
CA MET E 37 -9.33 -22.08 1.54
C MET E 37 -10.82 -21.91 1.25
N ALA E 38 -11.48 -22.97 0.77
CA ALA E 38 -12.91 -22.88 0.49
C ALA E 38 -13.71 -22.62 1.75
N ALA E 39 -13.31 -23.23 2.87
CA ALA E 39 -14.00 -22.97 4.13
C ALA E 39 -13.82 -21.53 4.58
N VAL E 40 -12.61 -20.98 4.41
CA VAL E 40 -12.37 -19.59 4.78
C VAL E 40 -13.18 -18.65 3.90
N LEU E 41 -13.20 -18.91 2.59
CA LEU E 41 -13.93 -18.05 1.67
C LEU E 41 -15.44 -18.12 1.94
N GLU E 42 -15.96 -19.30 2.25
CA GLU E 42 -17.38 -19.43 2.55
C GLU E 42 -17.72 -18.74 3.86
N TYR E 43 -16.86 -18.88 4.87
CA TYR E 43 -17.12 -18.23 6.15
C TYR E 43 -17.14 -16.71 6.00
N LEU E 44 -16.18 -16.17 5.26
CA LEU E 44 -16.12 -14.73 5.05
C LEU E 44 -17.35 -14.24 4.29
N THR E 45 -17.75 -14.96 3.24
CA THR E 45 -18.92 -14.55 2.48
C THR E 45 -20.19 -14.61 3.33
N ALA E 46 -20.35 -15.68 4.12
CA ALA E 46 -21.51 -15.78 4.99
C ALA E 46 -21.52 -14.67 6.02
N GLU E 47 -20.34 -14.26 6.49
CA GLU E 47 -20.26 -13.19 7.48
C GLU E 47 -20.77 -11.88 6.90
N ILE E 48 -20.38 -11.57 5.66
CA ILE E 48 -20.84 -10.34 5.03
C ILE E 48 -22.32 -10.42 4.68
N LEU E 49 -22.75 -11.58 4.15
CA LEU E 49 -24.13 -11.71 3.71
C LEU E 49 -25.11 -11.60 4.86
N GLU E 50 -24.75 -12.12 6.04
CA GLU E 50 -25.60 -11.94 7.20
C GLU E 50 -25.68 -10.48 7.60
N LEU E 51 -24.54 -9.78 7.58
CA LEU E 51 -24.53 -8.37 7.94
C LEU E 51 -25.27 -7.53 6.90
N ALA E 52 -25.06 -7.81 5.62
CA ALA E 52 -25.74 -7.05 4.58
C ALA E 52 -27.23 -7.31 4.58
N GLY E 53 -27.64 -8.55 4.83
CA GLY E 53 -29.06 -8.84 4.92
C GLY E 53 -29.72 -8.15 6.09
N ASN E 54 -29.00 -8.01 7.21
CA ASN E 54 -29.52 -7.28 8.35
C ASN E 54 -29.73 -5.81 8.01
N ALA E 55 -28.80 -5.21 7.26
CA ALA E 55 -28.95 -3.82 6.84
C ALA E 55 -30.18 -3.63 5.97
N ALA E 56 -30.43 -4.57 5.06
CA ALA E 56 -31.61 -4.48 4.20
C ALA E 56 -32.89 -4.57 5.03
N ARG E 57 -32.91 -5.45 6.02
CA ARG E 57 -34.08 -5.52 6.90
C ARG E 57 -34.24 -4.24 7.71
N ASP E 58 -33.12 -3.66 8.17
CA ASP E 58 -33.19 -2.36 8.84
C ASP E 58 -33.74 -1.29 7.91
N ASN E 59 -33.32 -1.32 6.65
CA ASN E 59 -33.85 -0.41 5.64
C ASN E 59 -35.18 -0.89 5.07
N LYS E 60 -35.86 -1.78 5.77
CA LYS E 60 -37.13 -2.39 5.37
C LYS E 60 -37.16 -2.68 3.87
N LYS E 61 -36.19 -3.49 3.45
CA LYS E 61 -36.09 -3.96 2.07
C LYS E 61 -35.86 -5.47 2.09
N THR E 62 -36.29 -6.12 1.00
CA THR E 62 -36.18 -7.57 0.88
C THR E 62 -35.17 -7.99 -0.17
N ARG E 63 -34.24 -7.09 -0.53
CA ARG E 63 -33.24 -7.39 -1.55
C ARG E 63 -31.96 -6.66 -1.19
N ILE E 64 -30.83 -7.32 -1.43
CA ILE E 64 -29.53 -6.75 -1.11
C ILE E 64 -29.02 -5.98 -2.32
N ILE E 65 -28.60 -4.75 -2.09
CA ILE E 65 -28.05 -3.88 -3.13
C ILE E 65 -26.66 -3.47 -2.67
N PRO E 66 -25.82 -2.96 -3.58
CA PRO E 66 -24.45 -2.59 -3.18
C PRO E 66 -24.38 -1.62 -2.03
N ARG E 67 -25.39 -0.77 -1.86
CA ARG E 67 -25.42 0.12 -0.69
C ARG E 67 -25.50 -0.69 0.59
N HIS E 68 -26.29 -1.76 0.60
CA HIS E 68 -26.40 -2.60 1.79
C HIS E 68 -25.08 -3.28 2.12
N LEU E 69 -24.34 -3.71 1.08
CA LEU E 69 -23.03 -4.30 1.31
C LEU E 69 -22.06 -3.28 1.91
N GLN E 70 -22.13 -2.03 1.44
CA GLN E 70 -21.26 -0.99 1.97
C GLN E 70 -21.58 -0.69 3.43
N LEU E 71 -22.87 -0.67 3.79
CA LEU E 71 -23.24 -0.42 5.18
C LEU E 71 -22.71 -1.51 6.10
N ALA E 72 -22.81 -2.77 5.67
CA ALA E 72 -22.32 -3.87 6.49
C ALA E 72 -20.82 -3.80 6.70
N ILE E 73 -20.07 -3.52 5.63
CA ILE E 73 -18.61 -3.52 5.71
C ILE E 73 -18.12 -2.38 6.60
N ARG E 74 -18.64 -1.16 6.37
CA ARG E 74 -18.16 0.00 7.10
C ARG E 74 -18.62 -0.01 8.55
N ASN E 75 -19.75 -0.63 8.87
CA ASN E 75 -20.21 -0.68 10.24
C ASN E 75 -19.40 -1.66 11.09
N ASP E 76 -18.93 -2.75 10.50
CA ASP E 76 -18.13 -3.74 11.23
C ASP E 76 -16.66 -3.36 11.12
N GLU E 77 -16.03 -3.12 12.27
CA GLU E 77 -14.65 -2.68 12.26
C GLU E 77 -13.70 -3.77 11.81
N GLU E 78 -14.10 -5.04 11.96
CA GLU E 78 -13.24 -6.14 11.52
C GLU E 78 -13.22 -6.24 10.01
N LEU E 79 -14.41 -6.16 9.38
CA LEU E 79 -14.46 -6.14 7.92
C LEU E 79 -13.98 -4.81 7.36
N ASN E 80 -14.16 -3.72 8.10
CA ASN E 80 -13.67 -2.42 7.65
C ASN E 80 -12.15 -2.42 7.53
N LYS E 81 -11.46 -3.02 8.50
CA LYS E 81 -10.01 -3.12 8.42
C LYS E 81 -9.59 -4.00 7.25
N LEU E 82 -10.28 -5.13 7.05
CA LEU E 82 -9.93 -6.03 5.96
C LEU E 82 -10.09 -5.36 4.61
N LEU E 83 -11.15 -4.58 4.44
CA LEU E 83 -11.47 -3.93 3.18
C LEU E 83 -11.24 -2.42 3.25
N GLY E 84 -10.14 -2.01 3.90
CA GLY E 84 -9.89 -0.59 4.06
C GLY E 84 -9.61 0.14 2.77
N LYS E 85 -8.91 -0.52 1.84
CA LYS E 85 -8.54 0.08 0.57
C LYS E 85 -9.47 -0.34 -0.56
N VAL E 86 -10.68 -0.76 -0.25
CA VAL E 86 -11.62 -1.33 -1.21
C VAL E 86 -12.73 -0.32 -1.48
N THR E 87 -13.04 -0.11 -2.75
CA THR E 87 -14.15 0.73 -3.18
C THR E 87 -15.30 -0.16 -3.64
N ILE E 88 -16.48 0.07 -3.10
CA ILE E 88 -17.70 -0.61 -3.52
C ILE E 88 -18.41 0.31 -4.51
N ALA E 89 -18.57 -0.16 -5.75
CA ALA E 89 -19.23 0.66 -6.77
C ALA E 89 -20.71 0.84 -6.42
N GLN E 90 -21.19 2.08 -6.54
CA GLN E 90 -22.56 2.44 -6.16
C GLN E 90 -22.84 2.06 -4.70
N GLY E 91 -21.90 2.40 -3.82
CA GLY E 91 -22.06 2.06 -2.42
C GLY E 91 -22.31 3.27 -1.53
N GLY E 92 -21.97 4.45 -2.01
CA GLY E 92 -22.18 5.62 -1.19
C GLY E 92 -21.20 5.67 -0.03
N VAL E 93 -21.56 6.46 0.97
CA VAL E 93 -20.75 6.66 2.16
C VAL E 93 -21.62 6.40 3.39
N LEU E 94 -20.96 6.23 4.52
CA LEU E 94 -21.66 6.10 5.79
C LEU E 94 -22.25 7.45 6.19
N PRO E 95 -23.53 7.53 6.50
CA PRO E 95 -24.10 8.81 6.93
C PRO E 95 -23.53 9.26 8.26
N ASN E 96 -22.72 10.32 8.24
CA ASN E 96 -22.04 10.78 9.44
C ASN E 96 -21.72 12.27 9.30
N ILE E 97 -22.11 13.06 10.29
CA ILE E 97 -21.81 14.48 10.33
C ILE E 97 -21.05 14.77 11.62
N GLN E 98 -20.02 15.61 11.51
CA GLN E 98 -19.26 16.01 12.69
C GLN E 98 -20.13 16.83 13.62
N ALA E 99 -19.96 16.60 14.94
CA ALA E 99 -20.80 17.26 15.93
C ALA E 99 -20.58 18.76 15.94
N VAL E 100 -19.33 19.21 15.80
CA VAL E 100 -19.03 20.63 15.88
C VAL E 100 -19.67 21.41 14.73
N LEU E 101 -19.96 20.75 13.61
CA LEU E 101 -20.64 21.41 12.51
C LEU E 101 -22.12 21.60 12.75
N LEU E 102 -22.74 20.74 13.55
CA LEU E 102 -24.16 20.86 13.86
C LEU E 102 -24.42 22.10 14.70
N PRO E 103 -25.61 22.70 14.57
CA PRO E 103 -25.98 23.87 15.38
C PRO E 103 -26.04 23.57 16.87
N ARG F 1 -18.74 -17.25 -28.45
CA ARG F 1 -17.80 -16.89 -27.41
C ARG F 1 -17.83 -17.91 -26.27
N SER F 2 -16.75 -17.97 -25.49
CA SER F 2 -16.67 -18.90 -24.38
C SER F 2 -17.60 -18.47 -23.24
N ARG F 3 -17.93 -19.44 -22.39
CA ARG F 3 -18.76 -19.17 -21.23
C ARG F 3 -17.89 -18.72 -20.05
N LYS F 4 -18.48 -17.87 -19.21
CA LYS F 4 -17.79 -17.31 -18.05
C LYS F 4 -18.35 -17.90 -16.78
N GLU F 5 -17.46 -18.25 -15.85
CA GLU F 5 -17.83 -18.93 -14.62
C GLU F 5 -17.32 -18.15 -13.42
N SER F 6 -18.14 -18.08 -12.37
CA SER F 6 -17.81 -17.34 -11.16
C SER F 6 -18.49 -18.04 -9.99
N TYR F 7 -18.58 -17.36 -8.85
CA TYR F 7 -19.10 -17.95 -7.62
C TYR F 7 -20.56 -17.63 -7.39
N SER F 8 -21.30 -17.24 -8.42
CA SER F 8 -22.68 -16.78 -8.23
C SER F 8 -23.56 -17.87 -7.66
N VAL F 9 -23.39 -19.11 -8.12
CA VAL F 9 -24.23 -20.21 -7.64
C VAL F 9 -24.02 -20.43 -6.16
N TYR F 10 -22.76 -20.41 -5.71
CA TYR F 10 -22.46 -20.73 -4.33
C TYR F 10 -22.83 -19.59 -3.39
N VAL F 11 -22.69 -18.35 -3.84
CA VAL F 11 -23.09 -17.21 -3.02
C VAL F 11 -24.58 -17.22 -2.77
N TYR F 12 -25.37 -17.57 -3.80
CA TYR F 12 -26.80 -17.74 -3.60
C TYR F 12 -27.10 -18.80 -2.55
N LYS F 13 -26.36 -19.92 -2.59
CA LYS F 13 -26.58 -20.99 -1.61
C LYS F 13 -26.25 -20.51 -0.20
N VAL F 14 -25.16 -19.77 -0.04
CA VAL F 14 -24.81 -19.25 1.29
C VAL F 14 -25.85 -18.26 1.76
N LEU F 15 -26.30 -17.37 0.87
CA LEU F 15 -27.31 -16.38 1.25
C LEU F 15 -28.60 -17.05 1.69
N LYS F 16 -29.02 -18.10 0.98
CA LYS F 16 -30.21 -18.83 1.37
C LYS F 16 -30.05 -19.47 2.74
N GLN F 17 -28.81 -19.81 3.12
CA GLN F 17 -28.58 -20.38 4.44
C GLN F 17 -28.82 -19.35 5.54
N VAL F 18 -28.29 -18.14 5.38
CA VAL F 18 -28.42 -17.13 6.42
C VAL F 18 -29.79 -16.47 6.38
N HIS F 19 -30.20 -15.99 5.21
CA HIS F 19 -31.47 -15.25 5.06
C HIS F 19 -32.36 -15.93 4.03
N PRO F 20 -33.30 -16.76 4.46
CA PRO F 20 -34.15 -17.47 3.48
C PRO F 20 -34.99 -16.58 2.60
N ASP F 21 -35.44 -15.42 3.09
CA ASP F 21 -36.38 -14.59 2.36
C ASP F 21 -35.74 -13.30 1.85
N THR F 22 -34.43 -13.27 1.69
CA THR F 22 -33.73 -12.09 1.17
C THR F 22 -33.02 -12.47 -0.12
N GLY F 23 -33.26 -11.70 -1.18
CA GLY F 23 -32.58 -11.88 -2.43
C GLY F 23 -31.36 -10.99 -2.55
N ILE F 24 -30.69 -11.10 -3.69
CA ILE F 24 -29.52 -10.29 -3.98
C ILE F 24 -29.59 -9.85 -5.44
N SER F 25 -29.30 -8.58 -5.69
CA SER F 25 -29.45 -8.03 -7.03
C SER F 25 -28.27 -8.44 -7.90
N SER F 26 -28.29 -7.98 -9.16
CA SER F 26 -27.21 -8.30 -10.08
C SER F 26 -25.95 -7.54 -9.72
N LYS F 27 -26.07 -6.25 -9.41
CA LYS F 27 -24.89 -5.45 -9.10
C LYS F 27 -24.28 -5.87 -7.77
N ALA F 28 -25.11 -6.26 -6.80
CA ALA F 28 -24.58 -6.75 -5.53
C ALA F 28 -23.85 -8.08 -5.71
N MET F 29 -24.39 -8.96 -6.56
CA MET F 29 -23.76 -10.24 -6.79
C MET F 29 -22.42 -10.07 -7.49
N GLY F 30 -22.30 -9.09 -8.36
CA GLY F 30 -21.01 -8.81 -8.98
C GLY F 30 -19.97 -8.38 -7.97
N ILE F 31 -20.39 -7.63 -6.95
CA ILE F 31 -19.47 -7.20 -5.91
C ILE F 31 -19.05 -8.38 -5.05
N MET F 32 -19.99 -9.26 -4.73
CA MET F 32 -19.67 -10.46 -3.96
C MET F 32 -18.66 -11.34 -4.68
N ASN F 33 -18.81 -11.46 -6.01
CA ASN F 33 -17.83 -12.22 -6.79
C ASN F 33 -16.46 -11.56 -6.73
N SER F 34 -16.41 -10.24 -6.84
CA SER F 34 -15.13 -9.54 -6.77
C SER F 34 -14.51 -9.67 -5.38
N PHE F 35 -15.34 -9.76 -4.35
CA PHE F 35 -14.83 -9.91 -3.00
C PHE F 35 -14.17 -11.27 -2.80
N VAL F 36 -14.81 -12.33 -3.31
CA VAL F 36 -14.25 -13.67 -3.17
C VAL F 36 -12.94 -13.79 -3.93
N ASN F 37 -12.89 -13.24 -5.15
CA ASN F 37 -11.66 -13.27 -5.93
C ASN F 37 -10.54 -12.50 -5.23
N ASP F 38 -10.88 -11.38 -4.60
CA ASP F 38 -9.86 -10.55 -3.95
C ASP F 38 -9.24 -11.28 -2.76
N ILE F 39 -10.07 -11.93 -1.94
CA ILE F 39 -9.55 -12.62 -0.76
C ILE F 39 -8.77 -13.86 -1.18
N PHE F 40 -9.25 -14.57 -2.20
CA PHE F 40 -8.54 -15.75 -2.68
C PHE F 40 -7.14 -15.40 -3.16
N GLU F 41 -7.00 -14.29 -3.89
CA GLU F 41 -5.68 -13.87 -4.36
C GLU F 41 -4.81 -13.41 -3.20
N ARG F 42 -5.41 -12.81 -2.17
CA ARG F 42 -4.65 -12.38 -1.01
C ARG F 42 -4.11 -13.56 -0.22
N ILE F 43 -4.97 -14.54 0.07
CA ILE F 43 -4.57 -15.67 0.88
C ILE F 43 -3.57 -16.55 0.12
N ALA F 44 -3.87 -16.83 -1.15
CA ALA F 44 -2.96 -17.63 -1.95
C ALA F 44 -1.63 -16.92 -2.17
N GLY F 45 -1.67 -15.62 -2.42
CA GLY F 45 -0.44 -14.87 -2.63
C GLY F 45 0.43 -14.82 -1.38
N GLU F 46 -0.20 -14.73 -0.22
CA GLU F 46 0.56 -14.76 1.03
C GLU F 46 1.10 -16.15 1.32
N ALA F 47 0.29 -17.18 1.05
CA ALA F 47 0.77 -18.55 1.26
C ALA F 47 1.87 -18.92 0.27
N SER F 48 1.84 -18.35 -0.93
CA SER F 48 2.93 -18.57 -1.88
C SER F 48 4.24 -18.01 -1.34
N ARG F 49 4.21 -16.77 -0.85
CA ARG F 49 5.42 -16.19 -0.26
C ARG F 49 5.83 -16.95 0.99
N LEU F 50 4.85 -17.33 1.81
CA LEU F 50 5.13 -18.01 3.06
C LEU F 50 5.82 -19.35 2.82
N ALA F 51 5.39 -20.08 1.79
CA ALA F 51 6.02 -21.37 1.49
C ALA F 51 7.40 -21.18 0.87
N HIS F 52 7.57 -20.14 0.06
CA HIS F 52 8.88 -19.88 -0.55
C HIS F 52 9.90 -19.45 0.49
N TYR F 53 9.46 -18.82 1.58
CA TYR F 53 10.40 -18.41 2.62
C TYR F 53 11.05 -19.61 3.28
N ASN F 54 10.28 -20.69 3.44
CA ASN F 54 10.78 -21.92 4.05
C ASN F 54 11.33 -22.91 3.03
N LYS F 55 11.62 -22.45 1.81
CA LYS F 55 12.15 -23.30 0.75
C LYS F 55 11.26 -24.51 0.51
N ARG F 56 9.95 -24.28 0.51
CA ARG F 56 8.96 -25.32 0.35
C ARG F 56 8.35 -25.24 -1.03
N SER F 57 8.21 -26.40 -1.69
CA SER F 57 7.60 -26.47 -3.00
C SER F 57 6.11 -26.81 -2.95
N THR F 58 5.54 -26.94 -1.76
CA THR F 58 4.16 -27.35 -1.59
C THR F 58 3.42 -26.33 -0.73
N ILE F 59 2.18 -26.04 -1.12
CA ILE F 59 1.29 -25.20 -0.32
C ILE F 59 0.31 -26.14 0.37
N THR F 60 0.37 -26.17 1.70
CA THR F 60 -0.46 -27.05 2.50
C THR F 60 -1.45 -26.22 3.30
N SER F 61 -2.26 -26.91 4.11
CA SER F 61 -3.21 -26.21 4.95
C SER F 61 -2.52 -25.39 6.04
N ARG F 62 -1.30 -25.76 6.43
CA ARG F 62 -0.55 -24.91 7.34
C ARG F 62 -0.24 -23.58 6.71
N GLU F 63 0.12 -23.57 5.43
CA GLU F 63 0.40 -22.30 4.75
C GLU F 63 -0.86 -21.44 4.66
N ILE F 64 -2.01 -22.05 4.36
CA ILE F 64 -3.25 -21.30 4.32
C ILE F 64 -3.61 -20.77 5.69
N GLN F 65 -3.46 -21.60 6.72
CA GLN F 65 -3.86 -21.19 8.07
C GLN F 65 -3.03 -19.99 8.54
N THR F 66 -1.73 -20.02 8.30
CA THR F 66 -0.90 -18.88 8.67
C THR F 66 -1.18 -17.67 7.79
N ALA F 67 -1.47 -17.88 6.51
CA ALA F 67 -1.85 -16.76 5.65
C ALA F 67 -3.14 -16.12 6.13
N VAL F 68 -4.07 -16.93 6.63
CA VAL F 68 -5.30 -16.39 7.21
C VAL F 68 -4.98 -15.55 8.44
N ARG F 69 -4.08 -16.04 9.29
CA ARG F 69 -3.71 -15.30 10.49
C ARG F 69 -3.06 -13.97 10.14
N LEU F 70 -2.21 -13.97 9.11
CA LEU F 70 -1.50 -12.74 8.74
C LEU F 70 -2.45 -11.69 8.17
N LEU F 71 -3.46 -12.11 7.43
CA LEU F 71 -4.31 -11.18 6.69
C LEU F 71 -5.57 -10.79 7.44
N LEU F 72 -6.30 -11.76 7.97
CA LEU F 72 -7.56 -11.46 8.64
C LEU F 72 -7.28 -10.82 10.00
N PRO F 73 -7.89 -9.69 10.31
CA PRO F 73 -7.62 -9.02 11.59
C PRO F 73 -8.51 -9.56 12.71
N GLY F 74 -7.98 -9.47 13.92
CA GLY F 74 -8.78 -9.68 15.11
C GLY F 74 -9.48 -11.02 15.15
N GLU F 75 -10.74 -10.99 15.59
CA GLU F 75 -11.54 -12.20 15.72
C GLU F 75 -11.98 -12.78 14.39
N LEU F 76 -11.77 -12.07 13.28
CA LEU F 76 -12.03 -12.67 11.99
C LEU F 76 -11.11 -13.84 11.74
N ALA F 77 -9.83 -13.70 12.07
CA ALA F 77 -8.88 -14.79 11.90
C ALA F 77 -9.22 -15.95 12.82
N LYS F 78 -9.61 -15.66 14.06
CA LYS F 78 -9.87 -16.72 15.03
C LYS F 78 -11.00 -17.62 14.54
N HIS F 79 -12.09 -17.02 14.05
CA HIS F 79 -13.24 -17.82 13.64
C HIS F 79 -13.01 -18.49 12.29
N ALA F 80 -12.28 -17.82 11.40
CA ALA F 80 -11.98 -18.43 10.09
C ALA F 80 -11.09 -19.65 10.25
N VAL F 81 -10.09 -19.57 11.13
CA VAL F 81 -9.20 -20.70 11.37
C VAL F 81 -9.96 -21.89 11.91
N SER F 82 -10.86 -21.65 12.87
CA SER F 82 -11.65 -22.75 13.43
C SER F 82 -12.55 -23.38 12.37
N GLU F 83 -13.16 -22.55 11.51
CA GLU F 83 -13.96 -23.08 10.42
C GLU F 83 -13.11 -23.85 9.42
N GLY F 84 -11.94 -23.31 9.09
CA GLY F 84 -11.05 -23.99 8.17
C GLY F 84 -10.52 -25.30 8.73
N THR F 85 -10.14 -25.29 10.01
CA THR F 85 -9.65 -26.52 10.66
C THR F 85 -10.76 -27.55 10.78
N LYS F 86 -11.98 -27.11 11.12
CA LYS F 86 -13.09 -28.04 11.23
C LYS F 86 -13.41 -28.68 9.88
N ALA F 87 -13.37 -27.89 8.80
CA ALA F 87 -13.69 -28.43 7.49
C ALA F 87 -12.66 -29.47 7.05
N VAL F 88 -11.38 -29.19 7.27
CA VAL F 88 -10.33 -30.13 6.86
C VAL F 88 -10.45 -31.43 7.65
N THR F 89 -10.76 -31.32 8.95
CA THR F 89 -10.95 -32.52 9.76
C THR F 89 -12.10 -33.37 9.23
N LYS F 90 -13.22 -32.74 8.88
CA LYS F 90 -14.34 -33.48 8.32
C LYS F 90 -14.01 -34.06 6.95
N TYR F 91 -13.18 -33.36 6.17
CA TYR F 91 -12.84 -33.83 4.83
C TYR F 91 -12.01 -35.11 4.89
N THR F 92 -10.97 -35.12 5.72
CA THR F 92 -10.11 -36.30 5.81
C THR F 92 -10.87 -37.48 6.40
N SER F 93 -11.70 -37.24 7.40
CA SER F 93 -12.49 -38.29 8.04
C SER F 93 -13.48 -38.92 7.05
N LYS G 1 -41.79 39.66 1.22
CA LYS G 1 -40.75 38.74 0.79
C LYS G 1 -41.08 37.31 1.19
N PRO G 2 -40.63 36.35 0.40
CA PRO G 2 -40.84 34.94 0.75
C PRO G 2 -39.95 34.51 1.90
N HIS G 3 -40.30 33.36 2.48
CA HIS G 3 -39.52 32.81 3.57
C HIS G 3 -38.13 32.40 3.08
N ARG G 4 -37.11 32.74 3.87
CA ARG G 4 -35.73 32.44 3.53
C ARG G 4 -35.07 31.71 4.68
N TYR G 5 -34.49 30.54 4.40
CA TYR G 5 -33.78 29.78 5.41
C TYR G 5 -32.49 30.48 5.80
N ARG G 6 -32.12 30.35 7.06
CA ARG G 6 -30.82 30.83 7.50
C ARG G 6 -29.72 29.97 6.90
N PRO G 7 -28.58 30.56 6.53
CA PRO G 7 -27.50 29.77 5.92
C PRO G 7 -27.01 28.68 6.87
N GLY G 8 -26.76 27.50 6.31
CA GLY G 8 -26.30 26.37 7.10
C GLY G 8 -27.31 25.26 7.23
N THR G 9 -28.59 25.61 7.43
CA THR G 9 -29.63 24.60 7.47
C THR G 9 -29.79 23.91 6.13
N VAL G 10 -29.77 24.68 5.04
CA VAL G 10 -29.81 24.08 3.72
C VAL G 10 -28.55 23.27 3.45
N ALA G 11 -27.40 23.73 3.96
CA ALA G 11 -26.17 22.95 3.83
C ALA G 11 -26.29 21.62 4.54
N LEU G 12 -26.85 21.61 5.75
CA LEU G 12 -27.05 20.36 6.46
C LEU G 12 -28.04 19.46 5.72
N ARG G 13 -29.09 20.05 5.15
CA ARG G 13 -30.06 19.26 4.41
C ARG G 13 -29.41 18.62 3.19
N GLU G 14 -28.56 19.36 2.47
CA GLU G 14 -27.85 18.80 1.34
C GLU G 14 -26.87 17.72 1.78
N ILE G 15 -26.20 17.92 2.91
CA ILE G 15 -25.28 16.91 3.43
C ILE G 15 -26.04 15.61 3.68
N ARG G 16 -27.17 15.69 4.37
CA ARG G 16 -27.95 14.50 4.66
C ARG G 16 -28.47 13.85 3.39
N ARG G 17 -28.97 14.67 2.45
CA ARG G 17 -29.52 14.13 1.22
C ARG G 17 -28.47 13.39 0.40
N TYR G 18 -27.27 13.95 0.29
CA TYR G 18 -26.25 13.36 -0.54
C TYR G 18 -25.45 12.29 0.17
N GLN G 19 -25.54 12.19 1.50
CA GLN G 19 -24.97 11.06 2.21
C GLN G 19 -25.96 9.91 2.34
N LYS G 20 -27.25 10.15 2.12
CA LYS G 20 -28.23 9.07 2.11
C LYS G 20 -28.34 8.39 0.75
N SER G 21 -27.70 8.94 -0.30
CA SER G 21 -27.86 8.47 -1.66
C SER G 21 -26.56 7.85 -2.17
N THR G 22 -26.70 7.08 -3.26
CA THR G 22 -25.58 6.38 -3.87
C THR G 22 -25.37 6.76 -5.33
N GLU G 23 -26.04 7.79 -5.83
CA GLU G 23 -25.96 8.16 -7.24
C GLU G 23 -24.59 8.75 -7.56
N LEU G 24 -24.28 8.78 -8.85
CA LEU G 24 -23.10 9.52 -9.32
C LEU G 24 -23.41 11.00 -9.34
N LEU G 25 -22.52 11.80 -8.77
CA LEU G 25 -22.74 13.22 -8.59
C LEU G 25 -22.13 14.08 -9.70
N ILE G 26 -21.50 13.47 -10.69
CA ILE G 26 -20.93 14.19 -11.83
C ILE G 26 -21.70 13.79 -13.09
N ARG G 27 -21.97 14.77 -13.95
CA ARG G 27 -22.64 14.49 -15.20
C ARG G 27 -21.78 13.58 -16.07
N LYS G 28 -22.42 12.54 -16.63
CA LYS G 28 -21.68 11.46 -17.27
C LYS G 28 -20.99 11.92 -18.56
N LEU G 29 -21.68 12.68 -19.39
CA LEU G 29 -21.09 13.12 -20.65
C LEU G 29 -19.87 14.03 -20.46
N PRO G 30 -19.90 15.08 -19.63
CA PRO G 30 -18.68 15.86 -19.41
C PRO G 30 -17.53 15.05 -18.85
N PHE G 31 -17.80 14.12 -17.93
CA PHE G 31 -16.72 13.30 -17.40
C PHE G 31 -16.13 12.38 -18.45
N GLN G 32 -16.99 11.79 -19.29
CA GLN G 32 -16.50 10.95 -20.38
C GLN G 32 -15.67 11.74 -21.36
N ARG G 33 -16.09 12.97 -21.66
CA ARG G 33 -15.29 13.84 -22.52
C ARG G 33 -13.95 14.15 -21.89
N LEU G 34 -13.92 14.39 -20.58
CA LEU G 34 -12.64 14.64 -19.90
C LEU G 34 -11.74 13.41 -19.96
N VAL G 35 -12.31 12.22 -19.73
CA VAL G 35 -11.53 11.00 -19.76
C VAL G 35 -10.94 10.76 -21.14
N ARG G 36 -11.73 10.99 -22.19
CA ARG G 36 -11.21 10.84 -23.54
C ARG G 36 -10.18 11.91 -23.87
N GLU G 37 -10.32 13.12 -23.33
CA GLU G 37 -9.33 14.16 -23.57
C GLU G 37 -8.01 13.85 -22.89
N ILE G 38 -8.06 13.26 -21.70
CA ILE G 38 -6.83 12.90 -20.99
C ILE G 38 -6.13 11.74 -21.69
N ALA G 39 -6.90 10.72 -22.07
CA ALA G 39 -6.30 9.51 -22.63
C ALA G 39 -5.68 9.77 -24.00
N GLN G 40 -6.18 10.76 -24.74
CA GLN G 40 -5.67 11.02 -26.08
C GLN G 40 -4.24 11.54 -26.07
N ASP G 41 -3.73 11.97 -24.90
CA ASP G 41 -2.34 12.38 -24.81
C ASP G 41 -1.38 11.19 -24.77
N PHE G 42 -1.88 9.99 -24.46
CA PHE G 42 -1.04 8.81 -24.41
C PHE G 42 -1.07 8.04 -25.73
N LYS G 43 -2.26 7.59 -26.14
CA LYS G 43 -2.43 6.87 -27.39
C LYS G 43 -3.58 7.51 -28.16
N THR G 44 -3.35 7.78 -29.44
CA THR G 44 -4.38 8.36 -30.28
C THR G 44 -5.35 7.29 -30.76
N ASP G 45 -6.56 7.72 -31.11
CA ASP G 45 -7.60 6.86 -31.65
C ASP G 45 -7.90 5.68 -30.72
N LEU G 46 -8.00 5.96 -29.43
CA LEU G 46 -8.39 4.94 -28.47
C LEU G 46 -9.89 4.70 -28.51
N ARG G 47 -10.31 3.60 -27.92
CA ARG G 47 -11.72 3.29 -27.72
C ARG G 47 -11.93 2.88 -26.28
N PHE G 48 -13.10 3.21 -25.75
CA PHE G 48 -13.40 2.96 -24.34
C PHE G 48 -14.67 2.14 -24.23
N GLN G 49 -14.62 1.08 -23.44
CA GLN G 49 -15.84 0.40 -23.06
C GLN G 49 -16.69 1.31 -22.19
N SER G 50 -18.00 1.09 -22.21
CA SER G 50 -18.88 1.84 -21.33
C SER G 50 -18.54 1.55 -19.87
N SER G 51 -18.26 0.29 -19.55
CA SER G 51 -17.86 -0.07 -18.20
C SER G 51 -16.53 0.54 -17.82
N ALA G 52 -15.64 0.79 -18.79
CA ALA G 52 -14.38 1.44 -18.48
C ALA G 52 -14.60 2.86 -17.97
N VAL G 53 -15.43 3.63 -18.68
CA VAL G 53 -15.72 4.98 -18.25
C VAL G 53 -16.49 4.97 -16.93
N MET G 54 -17.41 4.03 -16.76
CA MET G 54 -18.16 3.96 -15.51
C MET G 54 -17.24 3.64 -14.33
N ALA G 55 -16.31 2.71 -14.51
CA ALA G 55 -15.34 2.40 -13.45
C ALA G 55 -14.47 3.61 -13.14
N LEU G 56 -14.01 4.31 -14.17
CA LEU G 56 -13.22 5.51 -13.94
C LEU G 56 -14.00 6.54 -13.13
N GLN G 57 -15.27 6.76 -13.49
CA GLN G 57 -16.08 7.74 -12.79
C GLN G 57 -16.31 7.34 -11.34
N GLU G 58 -16.63 6.06 -11.09
CA GLU G 58 -16.87 5.63 -9.71
C GLU G 58 -15.60 5.77 -8.87
N ALA G 59 -14.45 5.39 -9.43
CA ALA G 59 -13.20 5.52 -8.69
C ALA G 59 -12.88 6.98 -8.39
N SER G 60 -13.06 7.85 -9.39
CA SER G 60 -12.77 9.27 -9.17
C SER G 60 -13.68 9.87 -8.12
N GLU G 61 -14.96 9.52 -8.16
CA GLU G 61 -15.90 10.10 -7.20
C GLU G 61 -15.62 9.60 -5.79
N ALA G 62 -15.32 8.31 -5.62
CA ALA G 62 -14.96 7.81 -4.29
C ALA G 62 -13.69 8.48 -3.77
N TYR G 63 -12.70 8.65 -4.65
CA TYR G 63 -11.47 9.32 -4.25
C TYR G 63 -11.74 10.76 -3.81
N LEU G 64 -12.57 11.48 -4.57
CA LEU G 64 -12.84 12.87 -4.24
C LEU G 64 -13.64 13.00 -2.95
N VAL G 65 -14.58 12.08 -2.71
CA VAL G 65 -15.34 12.14 -1.46
C VAL G 65 -14.43 11.87 -0.27
N GLY G 66 -13.54 10.88 -0.38
CA GLY G 66 -12.60 10.62 0.71
C GLY G 66 -11.67 11.80 0.96
N LEU G 67 -11.16 12.40 -0.11
CA LEU G 67 -10.31 13.57 0.04
C LEU G 67 -11.05 14.71 0.69
N PHE G 68 -12.33 14.89 0.36
CA PHE G 68 -13.10 15.95 0.98
C PHE G 68 -13.35 15.69 2.45
N GLU G 69 -13.52 14.43 2.84
CA GLU G 69 -13.63 14.12 4.27
C GLU G 69 -12.33 14.47 5.01
N ASP G 70 -11.18 14.13 4.43
CA ASP G 70 -9.92 14.51 5.04
C ASP G 70 -9.76 16.03 5.11
N THR G 71 -10.18 16.73 4.05
CA THR G 71 -10.12 18.18 4.03
C THR G 71 -11.02 18.78 5.10
N ASN G 72 -12.20 18.19 5.32
CA ASN G 72 -13.08 18.66 6.37
C ASN G 72 -12.45 18.49 7.74
N LEU G 73 -11.77 17.36 7.97
CA LEU G 73 -11.06 17.18 9.22
C LEU G 73 -9.98 18.25 9.40
N CYS G 74 -9.23 18.54 8.34
CA CYS G 74 -8.20 19.57 8.41
C CYS G 74 -8.81 20.95 8.69
N ALA G 75 -9.97 21.23 8.11
CA ALA G 75 -10.65 22.50 8.36
C ALA G 75 -11.09 22.62 9.81
N ILE G 76 -11.68 21.56 10.35
CA ILE G 76 -12.09 21.59 11.74
C ILE G 76 -10.88 21.75 12.66
N HIS G 77 -9.74 21.21 12.25
CA HIS G 77 -8.53 21.32 13.06
C HIS G 77 -8.13 22.77 13.27
N ALA G 78 -8.19 23.58 12.21
CA ALA G 78 -7.80 24.98 12.29
C ALA G 78 -8.90 25.88 12.85
N LYS G 79 -9.92 25.30 13.49
CA LYS G 79 -11.04 26.03 14.07
C LYS G 79 -11.79 26.81 12.99
N ARG G 80 -12.34 26.05 12.04
CA ARG G 80 -13.04 26.63 10.90
C ARG G 80 -14.16 25.71 10.47
N VAL G 81 -15.09 26.25 9.69
CA VAL G 81 -16.07 25.45 8.98
C VAL G 81 -15.92 25.54 7.47
N THR G 82 -15.26 26.58 6.95
CA THR G 82 -15.05 26.74 5.52
C THR G 82 -13.77 26.01 5.13
N ILE G 83 -13.88 25.10 4.18
CA ILE G 83 -12.72 24.39 3.68
C ILE G 83 -12.00 25.25 2.67
N MET G 84 -10.68 25.33 2.78
CA MET G 84 -9.84 26.19 1.97
C MET G 84 -8.85 25.35 1.18
N PRO G 85 -8.24 25.90 0.13
CA PRO G 85 -7.26 25.11 -0.63
C PRO G 85 -6.12 24.57 0.21
N LYS G 86 -5.65 25.33 1.21
CA LYS G 86 -4.57 24.84 2.06
C LYS G 86 -4.98 23.60 2.83
N ASP G 87 -6.26 23.46 3.16
CA ASP G 87 -6.73 22.25 3.82
C ASP G 87 -6.59 21.03 2.92
N ILE G 88 -6.96 21.19 1.64
CA ILE G 88 -6.77 20.11 0.66
C ILE G 88 -5.30 19.78 0.51
N GLN G 89 -4.46 20.81 0.45
CA GLN G 89 -3.04 20.58 0.28
C GLN G 89 -2.45 19.82 1.48
N LEU G 90 -2.86 20.19 2.70
CA LEU G 90 -2.38 19.47 3.87
C LEU G 90 -2.86 18.03 3.87
N ALA G 91 -4.13 17.81 3.54
CA ALA G 91 -4.65 16.45 3.50
C ALA G 91 -3.91 15.59 2.48
N ARG G 92 -3.61 16.16 1.32
CA ARG G 92 -2.84 15.41 0.32
C ARG G 92 -1.42 15.17 0.79
N ARG G 93 -0.80 16.15 1.45
CA ARG G 93 0.57 15.99 1.91
C ARG G 93 0.69 14.88 2.93
N ILE G 94 -0.22 14.83 3.90
CA ILE G 94 -0.15 13.78 4.91
C ILE G 94 -0.48 12.42 4.31
N ARG G 95 -1.41 12.38 3.36
CA ARG G 95 -1.78 11.12 2.71
C ARG G 95 -0.65 10.52 1.91
N GLY G 96 0.35 11.30 1.55
CA GLY G 96 1.46 10.82 0.75
C GLY G 96 1.42 11.23 -0.71
N GLU G 97 0.29 11.78 -1.17
CA GLU G 97 0.20 12.23 -2.55
C GLU G 97 1.12 13.40 -2.84
N ARG G 98 1.64 14.06 -1.80
CA ARG G 98 2.66 15.08 -1.94
C ARG G 98 3.79 14.95 -0.91
N ALA G 99 3.64 14.08 0.09
CA ALA G 99 4.65 13.84 1.12
C ALA G 99 5.13 15.12 1.79
N VAL H 1 -13.95 16.58 -28.47
CA VAL H 1 -13.14 16.37 -27.28
C VAL H 1 -11.72 16.79 -27.62
N LEU H 2 -11.43 18.08 -27.42
CA LEU H 2 -10.13 18.65 -27.79
C LEU H 2 -9.45 19.38 -26.65
N ARG H 3 -10.19 20.20 -25.90
CA ARG H 3 -9.60 20.94 -24.79
C ARG H 3 -10.73 21.50 -23.94
N ASP H 4 -10.36 22.03 -22.77
CA ASP H 4 -11.28 22.72 -21.87
C ASP H 4 -12.40 21.81 -21.38
N ASN H 5 -12.14 20.51 -21.32
CA ASN H 5 -13.13 19.56 -20.83
C ASN H 5 -13.07 19.38 -19.32
N ILE H 6 -12.07 19.97 -18.65
CA ILE H 6 -12.05 19.94 -17.19
C ILE H 6 -13.16 20.81 -16.61
N GLN H 7 -13.55 21.86 -17.33
CA GLN H 7 -14.64 22.70 -16.87
C GLN H 7 -15.98 21.97 -16.83
N GLY H 8 -16.06 20.80 -17.48
CA GLY H 8 -17.24 19.98 -17.35
C GLY H 8 -17.46 19.47 -15.94
N ILE H 9 -16.44 19.54 -15.10
CA ILE H 9 -16.61 19.31 -13.66
C ILE H 9 -17.02 20.66 -13.08
N THR H 10 -18.32 20.94 -13.16
CA THR H 10 -18.85 22.24 -12.85
C THR H 10 -18.83 22.51 -11.36
N LYS H 11 -19.06 23.77 -11.00
CA LYS H 11 -19.12 24.13 -9.58
C LYS H 11 -20.21 23.40 -8.82
N PRO H 12 -21.45 23.26 -9.32
CA PRO H 12 -22.43 22.45 -8.57
C PRO H 12 -22.03 21.02 -8.39
N ALA H 13 -21.31 20.44 -9.36
CA ALA H 13 -20.89 19.05 -9.24
C ALA H 13 -19.91 18.86 -8.09
N ILE H 14 -18.96 19.78 -7.95
CA ILE H 14 -18.01 19.70 -6.84
C ILE H 14 -18.70 19.92 -5.51
N ARG H 15 -19.70 20.81 -5.47
CA ARG H 15 -20.43 21.05 -4.24
C ARG H 15 -21.18 19.81 -3.78
N ARG H 16 -21.76 19.06 -4.72
CA ARG H 16 -22.43 17.81 -4.37
C ARG H 16 -21.43 16.79 -3.82
N LEU H 17 -20.23 16.74 -4.39
CA LEU H 17 -19.20 15.84 -3.88
C LEU H 17 -18.79 16.21 -2.47
N ALA H 18 -18.66 17.50 -2.19
CA ALA H 18 -18.29 17.94 -0.85
C ALA H 18 -19.39 17.65 0.16
N ARG H 19 -20.65 17.82 -0.24
CA ARG H 19 -21.76 17.54 0.68
C ARG H 19 -21.77 16.08 1.10
N ARG H 20 -21.48 15.18 0.15
CA ARG H 20 -21.38 13.76 0.50
C ARG H 20 -20.23 13.52 1.47
N GLY H 21 -19.20 14.35 1.44
CA GLY H 21 -18.10 14.28 2.37
C GLY H 21 -18.34 14.99 3.68
N GLY H 22 -19.52 15.56 3.89
CA GLY H 22 -19.85 16.24 5.13
C GLY H 22 -19.41 17.67 5.23
N VAL H 23 -19.06 18.31 4.11
CA VAL H 23 -18.56 19.68 4.14
C VAL H 23 -19.74 20.64 4.22
N LYS H 24 -19.66 21.60 5.13
CA LYS H 24 -20.72 22.57 5.33
C LYS H 24 -20.51 23.85 4.52
N ARG H 25 -19.31 24.41 4.58
CA ARG H 25 -18.99 25.64 3.88
C ARG H 25 -17.79 25.39 2.98
N ILE H 26 -17.85 25.93 1.77
CA ILE H 26 -16.85 25.69 0.74
C ILE H 26 -16.31 27.02 0.24
N SER H 27 -14.99 27.16 0.24
CA SER H 27 -14.37 28.38 -0.25
C SER H 27 -14.45 28.46 -1.77
N GLY H 28 -14.33 29.67 -2.29
CA GLY H 28 -14.43 29.90 -3.72
C GLY H 28 -13.22 29.49 -4.52
N LEU H 29 -12.08 29.27 -3.88
CA LEU H 29 -10.90 28.76 -4.54
C LEU H 29 -10.80 27.24 -4.48
N ILE H 30 -11.79 26.58 -3.87
CA ILE H 30 -11.76 25.12 -3.74
C ILE H 30 -12.00 24.47 -5.10
N TYR H 31 -12.90 25.04 -5.90
CA TYR H 31 -13.32 24.38 -7.14
C TYR H 31 -12.15 24.23 -8.10
N GLU H 32 -11.31 25.25 -8.22
CA GLU H 32 -10.11 25.11 -9.06
C GLU H 32 -9.15 24.08 -8.48
N GLU H 33 -9.03 24.03 -7.16
CA GLU H 33 -8.16 23.04 -6.53
C GLU H 33 -8.70 21.63 -6.74
N THR H 34 -10.02 21.45 -6.63
CA THR H 34 -10.61 20.12 -6.81
C THR H 34 -10.44 19.63 -8.24
N ARG H 35 -10.55 20.54 -9.22
CA ARG H 35 -10.40 20.14 -10.61
C ARG H 35 -8.98 19.67 -10.90
N GLY H 36 -7.98 20.38 -10.38
CA GLY H 36 -6.61 19.96 -10.59
C GLY H 36 -6.29 18.65 -9.90
N VAL H 37 -6.85 18.44 -8.70
CA VAL H 37 -6.64 17.19 -7.99
C VAL H 37 -7.26 16.03 -8.75
N LEU H 38 -8.48 16.22 -9.27
CA LEU H 38 -9.14 15.17 -10.05
C LEU H 38 -8.35 14.86 -11.31
N LYS H 39 -7.86 15.89 -12.00
CA LYS H 39 -7.13 15.67 -13.24
C LYS H 39 -5.85 14.88 -13.02
N VAL H 40 -5.14 15.16 -11.92
CA VAL H 40 -3.92 14.41 -11.61
C VAL H 40 -4.26 12.95 -11.33
N PHE H 41 -5.33 12.71 -10.58
CA PHE H 41 -5.73 11.34 -10.28
C PHE H 41 -6.11 10.59 -11.55
N LEU H 42 -6.88 11.24 -12.43
CA LEU H 42 -7.30 10.58 -13.67
C LEU H 42 -6.12 10.28 -14.57
N GLU H 43 -5.16 11.20 -14.65
CA GLU H 43 -3.98 10.97 -15.48
C GLU H 43 -3.20 9.76 -15.02
N ASN H 44 -3.06 9.59 -13.70
CA ASN H 44 -2.29 8.47 -13.18
C ASN H 44 -2.97 7.14 -13.50
N VAL H 45 -4.28 7.07 -13.33
CA VAL H 45 -5.00 5.82 -13.58
C VAL H 45 -5.04 5.51 -15.08
N ILE H 46 -5.30 6.53 -15.90
CA ILE H 46 -5.44 6.31 -17.34
C ILE H 46 -4.11 5.89 -17.95
N ARG H 47 -3.00 6.48 -17.49
CA ARG H 47 -1.69 6.09 -18.01
C ARG H 47 -1.42 4.62 -17.75
N ASP H 48 -1.87 4.11 -16.61
CA ASP H 48 -1.71 2.69 -16.32
C ASP H 48 -2.69 1.83 -17.11
N ALA H 49 -3.93 2.32 -17.28
CA ALA H 49 -4.91 1.56 -18.05
C ALA H 49 -4.51 1.44 -19.51
N VAL H 50 -4.02 2.55 -20.10
CA VAL H 50 -3.59 2.50 -21.49
C VAL H 50 -2.35 1.65 -21.65
N THR H 51 -1.45 1.67 -20.67
CA THR H 51 -0.27 0.81 -20.73
C THR H 51 -0.65 -0.66 -20.75
N TYR H 52 -1.63 -1.04 -19.93
CA TYR H 52 -2.12 -2.42 -19.96
C TYR H 52 -2.71 -2.75 -21.32
N THR H 53 -3.50 -1.83 -21.88
CA THR H 53 -4.15 -2.08 -23.16
C THR H 53 -3.13 -2.21 -24.28
N GLU H 54 -2.13 -1.34 -24.31
CA GLU H 54 -1.12 -1.40 -25.35
C GLU H 54 -0.33 -2.70 -25.28
N HIS H 55 -0.17 -3.27 -24.08
CA HIS H 55 0.54 -4.53 -23.95
C HIS H 55 -0.22 -5.66 -24.65
N ALA H 56 -1.55 -5.67 -24.51
CA ALA H 56 -2.37 -6.70 -25.13
C ALA H 56 -2.63 -6.43 -26.61
N LYS H 57 -1.94 -5.47 -27.19
CA LYS H 57 -2.08 -5.13 -28.61
C LYS H 57 -3.53 -4.84 -28.98
N ARG H 58 -4.20 -4.06 -28.14
CA ARG H 58 -5.60 -3.72 -28.32
C ARG H 58 -5.75 -2.23 -28.56
N LYS H 59 -6.97 -1.84 -28.92
CA LYS H 59 -7.33 -0.44 -29.08
C LYS H 59 -8.46 0.00 -28.19
N THR H 60 -9.16 -0.92 -27.53
CA THR H 60 -10.30 -0.59 -26.69
C THR H 60 -9.89 -0.78 -25.23
N VAL H 61 -9.97 0.30 -24.46
CA VAL H 61 -9.59 0.27 -23.04
C VAL H 61 -10.70 -0.45 -22.29
N THR H 62 -10.46 -1.70 -21.91
CA THR H 62 -11.45 -2.54 -21.27
C THR H 62 -11.69 -2.08 -19.83
N ALA H 63 -12.82 -2.51 -19.26
CA ALA H 63 -13.10 -2.23 -17.85
C ALA H 63 -12.09 -2.92 -16.94
N MET H 64 -11.55 -4.06 -17.35
CA MET H 64 -10.55 -4.73 -16.54
C MET H 64 -9.22 -3.99 -16.55
N ASP H 65 -8.91 -3.29 -17.64
CA ASP H 65 -7.71 -2.45 -17.64
C ASP H 65 -7.80 -1.37 -16.58
N VAL H 66 -8.99 -0.78 -16.41
CA VAL H 66 -9.19 0.21 -15.37
C VAL H 66 -9.11 -0.42 -13.99
N VAL H 67 -9.74 -1.59 -13.83
CA VAL H 67 -9.70 -2.27 -12.53
C VAL H 67 -8.27 -2.65 -12.16
N TYR H 68 -7.50 -3.12 -13.14
CA TYR H 68 -6.12 -3.49 -12.88
C TYR H 68 -5.26 -2.26 -12.60
N ALA H 69 -5.53 -1.15 -13.28
CA ALA H 69 -4.79 0.07 -13.01
C ALA H 69 -5.06 0.59 -11.60
N LEU H 70 -6.32 0.52 -11.16
CA LEU H 70 -6.65 0.95 -9.81
C LEU H 70 -6.01 0.06 -8.76
N LYS H 71 -6.03 -1.25 -8.97
CA LYS H 71 -5.40 -2.16 -8.02
C LYS H 71 -3.91 -1.88 -7.89
N ARG H 72 -3.27 -1.50 -9.00
CA ARG H 72 -1.89 -1.06 -8.96
C ARG H 72 -1.73 0.21 -8.13
N GLN H 73 -2.69 1.13 -8.24
CA GLN H 73 -2.69 2.35 -7.44
C GLN H 73 -2.96 2.09 -5.97
N GLY H 74 -3.38 0.87 -5.61
CA GLY H 74 -3.79 0.60 -4.25
C GLY H 74 -5.21 0.99 -3.95
N ARG H 75 -6.09 1.00 -4.96
CA ARG H 75 -7.45 1.51 -4.85
C ARG H 75 -8.43 0.48 -5.39
N THR H 76 -8.33 -0.76 -4.91
CA THR H 76 -9.18 -1.86 -5.36
C THR H 76 -10.63 -1.44 -5.50
N LEU H 77 -11.24 -1.79 -6.63
CA LEU H 77 -12.61 -1.43 -6.95
C LEU H 77 -13.41 -2.70 -7.24
N TYR H 78 -14.54 -2.85 -6.55
CA TYR H 78 -15.41 -4.00 -6.72
C TYR H 78 -16.57 -3.67 -7.64
N GLY H 79 -17.13 -4.70 -8.26
CA GLY H 79 -18.32 -4.59 -9.06
C GLY H 79 -18.11 -4.62 -10.56
N PHE H 80 -16.88 -4.46 -11.04
CA PHE H 80 -16.60 -4.47 -12.47
C PHE H 80 -15.78 -5.69 -12.88
N GLY H 81 -15.89 -6.77 -12.13
CA GLY H 81 -15.10 -7.97 -12.38
C GLY H 81 -13.86 -8.03 -11.54
N GLY H 82 -13.00 -8.99 -11.87
CA GLY H 82 -11.77 -9.18 -11.14
C GLY H 82 -11.10 -10.52 -11.41
N LYS I 1 32.30 -15.96 -24.98
CA LYS I 1 32.29 -15.14 -23.78
C LYS I 1 31.17 -15.58 -22.84
N SER I 2 30.81 -14.70 -21.91
CA SER I 2 29.73 -14.93 -20.97
C SER I 2 28.48 -14.21 -21.43
N ARG I 3 27.33 -14.66 -20.92
CA ARG I 3 26.06 -14.03 -21.30
C ARG I 3 26.02 -12.57 -20.89
N SER I 4 26.55 -12.25 -19.71
CA SER I 4 26.61 -10.87 -19.27
C SER I 4 27.47 -10.02 -20.21
N SER I 5 28.63 -10.54 -20.63
CA SER I 5 29.52 -9.76 -21.46
C SER I 5 29.02 -9.65 -22.89
N ARG I 6 28.27 -10.65 -23.37
CA ARG I 6 27.69 -10.57 -24.70
C ARG I 6 26.69 -9.42 -24.78
N ALA I 7 25.87 -9.25 -23.75
CA ALA I 7 24.95 -8.12 -23.70
C ALA I 7 25.65 -6.81 -23.38
N GLY I 8 26.87 -6.86 -22.85
CA GLY I 8 27.60 -5.66 -22.51
C GLY I 8 27.33 -5.10 -21.14
N LEU I 9 26.82 -5.91 -20.21
CA LEU I 9 26.48 -5.45 -18.88
C LEU I 9 27.56 -5.87 -17.89
N GLN I 10 27.35 -5.50 -16.63
CA GLN I 10 28.15 -5.99 -15.52
C GLN I 10 27.36 -6.88 -14.57
N PHE I 11 26.03 -6.84 -14.62
CA PHE I 11 25.21 -7.69 -13.78
C PHE I 11 25.11 -9.09 -14.36
N PRO I 12 24.85 -10.10 -13.52
CA PRO I 12 24.84 -11.49 -13.98
C PRO I 12 23.56 -11.83 -14.73
N VAL I 13 23.67 -11.96 -16.06
CA VAL I 13 22.52 -12.38 -16.85
C VAL I 13 22.16 -13.82 -16.52
N GLY I 14 23.17 -14.68 -16.31
CA GLY I 14 22.89 -16.06 -15.97
C GLY I 14 22.22 -16.22 -14.62
N ARG I 15 22.69 -15.47 -13.62
CA ARG I 15 22.09 -15.55 -12.28
C ARG I 15 20.65 -15.05 -12.29
N VAL I 16 20.37 -13.98 -13.03
CA VAL I 16 19.00 -13.47 -13.11
C VAL I 16 18.08 -14.50 -13.72
N HIS I 17 18.58 -15.23 -14.73
CA HIS I 17 17.76 -16.23 -15.40
C HIS I 17 17.30 -17.32 -14.45
N ARG I 18 18.18 -17.78 -13.56
CA ARG I 18 17.80 -18.80 -12.59
C ARG I 18 16.75 -18.27 -11.63
N LEU I 19 16.93 -17.03 -11.16
CA LEU I 19 15.99 -16.46 -10.20
C LEU I 19 14.62 -16.30 -10.81
N LEU I 20 14.54 -15.90 -12.07
CA LEU I 20 13.25 -15.80 -12.75
C LEU I 20 12.60 -17.17 -12.89
N ARG I 21 13.39 -18.18 -13.24
CA ARG I 21 12.84 -19.52 -13.41
C ARG I 21 12.45 -20.13 -12.07
N LYS I 22 13.28 -19.94 -11.04
CA LYS I 22 13.05 -20.58 -9.75
C LYS I 22 11.94 -19.88 -8.97
N GLY I 23 11.72 -18.59 -9.18
CA GLY I 23 10.81 -17.82 -8.38
C GLY I 23 9.34 -18.04 -8.62
N ASN I 24 8.97 -18.90 -9.57
CA ASN I 24 7.58 -19.24 -9.84
C ASN I 24 6.79 -18.03 -10.35
N TYR I 25 7.31 -17.40 -11.40
CA TYR I 25 6.63 -16.30 -12.04
C TYR I 25 5.85 -16.72 -13.28
N ALA I 26 6.38 -17.67 -14.04
CA ALA I 26 5.70 -18.20 -15.21
C ALA I 26 6.27 -19.57 -15.51
N GLU I 27 5.55 -20.33 -16.33
CA GLU I 27 6.00 -21.67 -16.68
C GLU I 27 7.24 -21.64 -17.57
N ARG I 28 7.43 -20.57 -18.33
CA ARG I 28 8.58 -20.43 -19.20
C ARG I 28 9.13 -19.02 -19.10
N VAL I 29 10.43 -18.87 -19.35
CA VAL I 29 11.10 -17.57 -19.34
C VAL I 29 11.85 -17.43 -20.64
N GLY I 30 11.62 -16.32 -21.34
CA GLY I 30 12.21 -16.12 -22.64
C GLY I 30 13.72 -15.92 -22.58
N ALA I 31 14.33 -15.95 -23.76
CA ALA I 31 15.78 -15.75 -23.85
C ALA I 31 16.17 -14.33 -23.49
N GLY I 32 15.40 -13.35 -23.94
CA GLY I 32 15.70 -11.95 -23.65
C GLY I 32 15.18 -11.42 -22.35
N ALA I 33 14.37 -12.20 -21.62
CA ALA I 33 13.85 -11.71 -20.34
C ALA I 33 14.95 -11.47 -19.31
N PRO I 34 15.84 -12.42 -19.01
CA PRO I 34 16.93 -12.11 -18.06
C PRO I 34 17.86 -11.02 -18.55
N VAL I 35 18.07 -10.92 -19.86
CA VAL I 35 18.97 -9.90 -20.38
C VAL I 35 18.37 -8.51 -20.19
N TYR I 36 17.07 -8.38 -20.43
CA TYR I 36 16.40 -7.10 -20.22
C TYR I 36 16.38 -6.72 -18.75
N MET I 37 16.08 -7.68 -17.87
CA MET I 37 16.00 -7.35 -16.45
C MET I 37 17.36 -6.96 -15.90
N ALA I 38 18.42 -7.64 -16.31
CA ALA I 38 19.76 -7.30 -15.84
C ALA I 38 20.17 -5.90 -16.27
N ALA I 39 19.78 -5.49 -17.47
CA ALA I 39 20.10 -4.14 -17.94
C ALA I 39 19.39 -3.09 -17.10
N VAL I 40 18.14 -3.35 -16.72
CA VAL I 40 17.39 -2.41 -15.89
C VAL I 40 17.95 -2.36 -14.47
N LEU I 41 18.26 -3.53 -13.90
CA LEU I 41 18.79 -3.56 -12.54
C LEU I 41 20.14 -2.85 -12.46
N GLU I 42 20.99 -3.04 -13.47
CA GLU I 42 22.27 -2.35 -13.49
C GLU I 42 22.09 -0.84 -13.63
N TYR I 43 21.15 -0.41 -14.47
CA TYR I 43 20.94 1.02 -14.66
C TYR I 43 20.47 1.67 -13.37
N LEU I 44 19.50 1.05 -12.69
CA LEU I 44 18.98 1.63 -11.45
C LEU I 44 20.06 1.70 -10.38
N THR I 45 20.93 0.69 -10.32
CA THR I 45 22.04 0.71 -9.38
C THR I 45 23.02 1.83 -9.71
N ALA I 46 23.35 2.00 -10.98
CA ALA I 46 24.31 3.01 -11.38
C ALA I 46 23.78 4.42 -11.11
N GLU I 47 22.47 4.61 -11.24
CA GLU I 47 21.90 5.92 -10.97
C GLU I 47 22.03 6.27 -9.49
N ILE I 48 21.74 5.32 -8.60
CA ILE I 48 21.83 5.59 -7.18
C ILE I 48 23.28 5.76 -6.75
N LEU I 49 24.16 4.90 -7.25
CA LEU I 49 25.56 4.96 -6.86
C LEU I 49 26.21 6.27 -7.32
N GLU I 50 25.85 6.73 -8.52
CA GLU I 50 26.38 8.01 -8.99
C GLU I 50 25.88 9.16 -8.12
N LEU I 51 24.60 9.14 -7.76
CA LEU I 51 24.05 10.18 -6.90
C LEU I 51 24.59 10.07 -5.48
N ALA I 52 24.69 8.85 -4.95
CA ALA I 52 25.23 8.68 -3.61
C ALA I 52 26.72 9.01 -3.56
N GLY I 53 27.47 8.66 -4.60
CA GLY I 53 28.87 8.99 -4.63
C GLY I 53 29.13 10.48 -4.70
N ASN I 54 28.24 11.22 -5.38
CA ASN I 54 28.34 12.67 -5.41
C ASN I 54 28.09 13.26 -4.03
N ALA I 55 27.20 12.64 -3.26
CA ALA I 55 26.92 13.12 -1.92
C ALA I 55 28.15 13.03 -1.02
N ALA I 56 28.90 11.94 -1.13
CA ALA I 56 30.12 11.82 -0.33
C ALA I 56 31.15 12.87 -0.73
N ARG I 57 31.30 13.12 -2.03
CA ARG I 57 32.27 14.11 -2.47
C ARG I 57 31.92 15.51 -1.97
N ASP I 58 30.65 15.88 -2.06
CA ASP I 58 30.21 17.16 -1.52
C ASP I 58 30.33 17.21 0.00
N ASN I 59 30.15 16.09 0.68
CA ASN I 59 30.31 16.03 2.12
C ASN I 59 31.80 15.71 2.44
N LYS I 60 32.71 16.15 1.56
CA LYS I 60 34.16 15.94 1.68
C LYS I 60 34.55 14.59 2.28
N LYS I 61 33.96 13.50 1.78
CA LYS I 61 34.31 12.16 2.21
C LYS I 61 34.85 11.37 1.03
N THR I 62 35.14 10.09 1.26
CA THR I 62 35.68 9.22 0.23
C THR I 62 35.02 7.85 0.16
N ARG I 63 34.21 7.48 1.14
CA ARG I 63 33.56 6.18 1.17
C ARG I 63 32.07 6.37 1.45
N ILE I 64 31.26 5.60 0.75
CA ILE I 64 29.81 5.76 0.80
C ILE I 64 29.28 5.04 2.03
N ILE I 65 28.46 5.74 2.81
CA ILE I 65 27.82 5.16 4.00
C ILE I 65 26.31 5.20 3.78
N PRO I 66 25.51 4.52 4.61
CA PRO I 66 24.05 4.54 4.37
C PRO I 66 23.45 5.92 4.37
N ARG I 67 24.06 6.89 5.04
CA ARG I 67 23.54 8.25 5.03
C ARG I 67 23.56 8.84 3.63
N HIS I 68 24.65 8.60 2.87
CA HIS I 68 24.76 9.16 1.54
C HIS I 68 23.70 8.61 0.59
N LEU I 69 23.37 7.32 0.71
CA LEU I 69 22.33 6.75 -0.11
C LEU I 69 20.99 7.42 0.16
N GLN I 70 20.69 7.68 1.43
CA GLN I 70 19.43 8.33 1.78
C GLN I 70 19.37 9.75 1.22
N LEU I 71 20.47 10.49 1.31
CA LEU I 71 20.48 11.85 0.78
C LEU I 71 20.26 11.85 -0.73
N ALA I 72 20.88 10.92 -1.45
CA ALA I 72 20.68 10.85 -2.89
C ALA I 72 19.27 10.40 -3.24
N ILE I 73 18.71 9.45 -2.47
CA ILE I 73 17.40 8.90 -2.79
C ILE I 73 16.33 9.97 -2.59
N ARG I 74 16.34 10.63 -1.43
CA ARG I 74 15.30 11.60 -1.10
C ARG I 74 15.43 12.90 -1.86
N ASN I 75 16.63 13.24 -2.32
CA ASN I 75 16.80 14.47 -3.09
C ASN I 75 16.29 14.33 -4.52
N ASP I 76 16.35 13.13 -5.09
CA ASP I 76 15.87 12.91 -6.45
C ASP I 76 14.39 12.56 -6.40
N GLU I 77 13.57 13.34 -7.11
CA GLU I 77 12.13 13.17 -7.04
C GLU I 77 11.68 11.86 -7.68
N GLU I 78 12.37 11.42 -8.73
CA GLU I 78 12.02 10.14 -9.35
C GLU I 78 12.42 8.97 -8.47
N LEU I 79 13.64 9.01 -7.91
CA LEU I 79 14.06 7.96 -7.00
C LEU I 79 13.24 7.98 -5.72
N ASN I 80 12.89 9.17 -5.24
CA ASN I 80 12.05 9.27 -4.05
C ASN I 80 10.68 8.65 -4.28
N LYS I 81 10.10 8.88 -5.47
CA LYS I 81 8.79 8.31 -5.76
C LYS I 81 8.87 6.79 -5.84
N LEU I 82 9.94 6.26 -6.44
CA LEU I 82 10.09 4.81 -6.56
C LEU I 82 10.26 4.17 -5.18
N LEU I 83 10.97 4.82 -4.28
CA LEU I 83 11.27 4.29 -2.95
C LEU I 83 10.57 5.09 -1.86
N GLY I 84 9.31 5.44 -2.09
CA GLY I 84 8.58 6.24 -1.12
C GLY I 84 8.31 5.51 0.18
N LYS I 85 7.97 4.23 0.10
CA LYS I 85 7.65 3.42 1.27
C LYS I 85 8.81 2.55 1.71
N VAL I 86 10.02 3.08 1.57
CA VAL I 86 11.25 2.34 1.84
C VAL I 86 12.02 3.06 2.93
N THR I 87 12.47 2.32 3.94
CA THR I 87 13.27 2.85 5.03
C THR I 87 14.72 2.42 4.85
N ILE I 88 15.62 3.39 4.92
CA ILE I 88 17.06 3.14 4.80
C ILE I 88 17.64 3.13 6.20
N ALA I 89 18.14 1.97 6.63
CA ALA I 89 18.67 1.84 7.98
C ALA I 89 19.91 2.73 8.15
N GLN I 90 19.95 3.44 9.28
CA GLN I 90 21.01 4.42 9.56
C GLN I 90 21.10 5.48 8.47
N GLY I 91 19.94 5.91 7.97
CA GLY I 91 19.91 6.90 6.92
C GLY I 91 19.60 8.30 7.41
N GLY I 92 19.07 8.40 8.63
CA GLY I 92 18.68 9.70 9.12
C GLY I 92 17.53 10.28 8.31
N VAL I 93 17.49 11.60 8.23
CA VAL I 93 16.49 12.32 7.45
C VAL I 93 17.19 13.42 6.66
N LEU I 94 16.47 13.97 5.69
CA LEU I 94 16.95 15.14 4.97
C LEU I 94 16.84 16.38 5.86
N PRO I 95 17.91 17.17 5.97
CA PRO I 95 17.83 18.38 6.79
C PRO I 95 16.94 19.43 6.15
N ASN I 96 15.73 19.59 6.66
CA ASN I 96 14.79 20.57 6.14
C ASN I 96 13.96 21.11 7.29
N ILE I 97 13.78 22.43 7.30
CA ILE I 97 13.05 23.11 8.36
C ILE I 97 12.05 24.06 7.72
N GLN I 98 10.89 24.23 8.36
CA GLN I 98 9.82 25.02 7.78
C GLN I 98 10.20 26.49 7.68
N ALA I 99 9.46 27.23 6.86
CA ALA I 99 9.68 28.67 6.75
C ALA I 99 9.15 29.43 7.96
N VAL I 100 7.98 29.05 8.46
CA VAL I 100 7.44 29.70 9.67
C VAL I 100 8.30 29.36 10.87
N LEU I 101 9.17 28.36 10.74
CA LEU I 101 10.05 27.96 11.83
C LEU I 101 10.98 29.09 12.24
N LEU I 102 11.70 29.65 11.27
CA LEU I 102 12.77 30.61 11.54
C LEU I 102 12.18 31.95 11.97
N PRO I 103 12.61 32.49 13.12
CA PRO I 103 12.11 33.78 13.62
C PRO I 103 12.61 34.96 12.80
N ARG J 1 26.65 -27.49 3.20
CA ARG J 1 27.21 -26.49 2.29
C ARG J 1 26.10 -25.69 1.60
N SER J 2 25.78 -24.54 2.16
CA SER J 2 24.72 -23.68 1.64
C SER J 2 25.32 -22.37 1.14
N ARG J 3 24.88 -21.94 -0.02
CA ARG J 3 25.44 -20.77 -0.68
C ARG J 3 24.84 -19.48 -0.11
N LYS J 4 25.54 -18.37 -0.33
CA LYS J 4 25.06 -17.04 0.01
C LYS J 4 24.96 -16.22 -1.25
N GLU J 5 23.79 -15.63 -1.49
CA GLU J 5 23.47 -14.93 -2.72
C GLU J 5 23.55 -13.43 -2.48
N SER J 6 24.32 -12.74 -3.32
CA SER J 6 24.48 -11.30 -3.19
C SER J 6 24.95 -10.75 -4.53
N TYR J 7 24.72 -9.44 -4.70
CA TYR J 7 25.18 -8.71 -5.88
C TYR J 7 26.37 -7.82 -5.57
N SER J 8 27.12 -8.17 -4.52
CA SER J 8 28.18 -7.31 -4.05
C SER J 8 29.27 -7.12 -5.11
N VAL J 9 29.63 -8.19 -5.82
CA VAL J 9 30.68 -8.07 -6.83
C VAL J 9 30.25 -7.15 -7.95
N TYR J 10 28.99 -7.24 -8.38
CA TYR J 10 28.54 -6.46 -9.52
C TYR J 10 28.29 -5.01 -9.15
N VAL J 11 27.81 -4.76 -7.93
CA VAL J 11 27.69 -3.38 -7.45
C VAL J 11 29.06 -2.74 -7.37
N TYR J 12 30.06 -3.51 -6.93
CA TYR J 12 31.43 -2.99 -6.88
C TYR J 12 31.91 -2.61 -8.28
N LYS J 13 31.64 -3.46 -9.27
CA LYS J 13 32.04 -3.14 -10.64
C LYS J 13 31.31 -1.91 -11.17
N VAL J 14 30.01 -1.81 -10.89
CA VAL J 14 29.24 -0.65 -11.32
C VAL J 14 29.76 0.61 -10.63
N LEU J 15 30.06 0.51 -9.34
CA LEU J 15 30.57 1.67 -8.61
C LEU J 15 31.91 2.13 -9.18
N LYS J 16 32.78 1.20 -9.52
CA LYS J 16 34.06 1.57 -10.13
C LYS J 16 33.87 2.21 -11.49
N GLN J 17 32.75 1.91 -12.16
CA GLN J 17 32.48 2.54 -13.45
C GLN J 17 32.09 4.00 -13.29
N VAL J 18 31.23 4.30 -12.32
CA VAL J 18 30.72 5.66 -12.17
C VAL J 18 31.66 6.50 -11.30
N HIS J 19 32.21 5.91 -10.23
CA HIS J 19 33.08 6.61 -9.30
C HIS J 19 34.35 5.80 -9.10
N PRO J 20 35.40 6.07 -9.88
CA PRO J 20 36.61 5.23 -9.81
C PRO J 20 37.29 5.22 -8.46
N ASP J 21 37.26 6.33 -7.72
CA ASP J 21 38.06 6.46 -6.50
C ASP J 21 37.22 6.41 -5.22
N THR J 22 35.99 5.95 -5.29
CA THR J 22 35.09 5.92 -4.15
C THR J 22 34.75 4.49 -3.78
N GLY J 23 34.87 4.16 -2.50
CA GLY J 23 34.46 2.88 -1.98
C GLY J 23 33.06 2.93 -1.38
N ILE J 24 32.62 1.78 -0.88
CA ILE J 24 31.31 1.66 -0.28
C ILE J 24 31.43 0.83 1.00
N SER J 25 30.73 1.25 2.05
CA SER J 25 30.85 0.62 3.35
C SER J 25 30.20 -0.76 3.33
N SER J 26 30.37 -1.48 4.44
CA SER J 26 29.71 -2.77 4.58
C SER J 26 28.21 -2.60 4.75
N LYS J 27 27.78 -1.64 5.58
CA LYS J 27 26.36 -1.41 5.78
C LYS J 27 25.70 -0.82 4.54
N ALA J 28 26.38 0.11 3.87
CA ALA J 28 25.82 0.70 2.66
C ALA J 28 25.71 -0.32 1.55
N MET J 29 26.64 -1.27 1.49
CA MET J 29 26.59 -2.30 0.46
C MET J 29 25.43 -3.25 0.69
N GLY J 30 25.10 -3.53 1.95
CA GLY J 30 23.94 -4.36 2.24
C GLY J 30 22.64 -3.66 1.91
N ILE J 31 22.66 -2.33 1.88
CA ILE J 31 21.49 -1.58 1.43
C ILE J 31 21.30 -1.73 -0.06
N MET J 32 22.39 -1.71 -0.82
CA MET J 32 22.29 -1.90 -2.27
C MET J 32 21.83 -3.31 -2.60
N ASN J 33 22.20 -4.30 -1.79
CA ASN J 33 21.73 -5.66 -2.01
C ASN J 33 20.21 -5.75 -1.84
N SER J 34 19.68 -5.10 -0.80
CA SER J 34 18.24 -5.12 -0.58
C SER J 34 17.51 -4.35 -1.67
N PHE J 35 18.14 -3.30 -2.19
CA PHE J 35 17.51 -2.52 -3.26
C PHE J 35 17.39 -3.35 -4.53
N VAL J 36 18.45 -4.08 -4.90
CA VAL J 36 18.41 -4.90 -6.11
C VAL J 36 17.43 -6.07 -5.93
N ASN J 37 17.45 -6.68 -4.75
CA ASN J 37 16.48 -7.75 -4.47
C ASN J 37 15.06 -7.21 -4.45
N ASP J 38 14.88 -5.97 -4.01
CA ASP J 38 13.54 -5.38 -3.96
C ASP J 38 13.02 -5.09 -5.35
N ILE J 39 13.84 -4.47 -6.19
CA ILE J 39 13.38 -4.08 -7.52
C ILE J 39 13.20 -5.30 -8.41
N PHE J 40 14.07 -6.31 -8.25
CA PHE J 40 13.90 -7.55 -8.99
C PHE J 40 12.55 -8.19 -8.69
N GLU J 41 12.15 -8.19 -7.42
CA GLU J 41 10.88 -8.80 -7.05
C GLU J 41 9.70 -7.98 -7.57
N ARG J 42 9.87 -6.65 -7.67
CA ARG J 42 8.79 -5.81 -8.18
C ARG J 42 8.56 -6.04 -9.66
N ILE J 43 9.63 -6.02 -10.46
CA ILE J 43 9.49 -6.19 -11.89
C ILE J 43 9.03 -7.61 -12.23
N ALA J 44 9.62 -8.61 -11.58
CA ALA J 44 9.23 -9.98 -11.84
C ALA J 44 7.78 -10.22 -11.46
N GLY J 45 7.33 -9.66 -10.34
CA GLY J 45 5.94 -9.79 -9.96
C GLY J 45 5.00 -9.10 -10.92
N GLU J 46 5.39 -7.92 -11.41
CA GLU J 46 4.57 -7.22 -12.39
C GLU J 46 4.54 -7.95 -13.73
N ALA J 47 5.69 -8.45 -14.18
CA ALA J 47 5.73 -9.22 -15.43
C ALA J 47 4.94 -10.50 -15.31
N SER J 48 4.95 -11.11 -14.13
CA SER J 48 4.15 -12.31 -13.91
C SER J 48 2.66 -12.02 -14.05
N ARG J 49 2.20 -10.90 -13.49
CA ARG J 49 0.80 -10.56 -13.57
C ARG J 49 0.40 -10.17 -14.99
N LEU J 50 1.29 -9.50 -15.72
CA LEU J 50 0.99 -9.14 -17.10
C LEU J 50 0.83 -10.38 -17.97
N ALA J 51 1.69 -11.38 -17.78
CA ALA J 51 1.57 -12.61 -18.54
C ALA J 51 0.32 -13.38 -18.15
N HIS J 52 -0.07 -13.32 -16.88
CA HIS J 52 -1.26 -14.03 -16.43
C HIS J 52 -2.53 -13.40 -17.00
N TYR J 53 -2.57 -12.07 -17.10
CA TYR J 53 -3.76 -11.39 -17.60
C TYR J 53 -4.05 -11.77 -19.04
N ASN J 54 -3.01 -11.82 -19.88
CA ASN J 54 -3.17 -12.17 -21.28
C ASN J 54 -3.06 -13.68 -21.52
N LYS J 55 -3.19 -14.49 -20.48
CA LYS J 55 -3.18 -15.94 -20.60
C LYS J 55 -1.94 -16.43 -21.34
N ARG J 56 -0.80 -15.84 -21.01
CA ARG J 56 0.49 -16.23 -21.58
C ARG J 56 1.26 -17.07 -20.56
N SER J 57 1.90 -18.12 -21.03
CA SER J 57 2.67 -19.01 -20.18
C SER J 57 4.14 -18.67 -20.10
N THR J 58 4.59 -17.62 -20.79
CA THR J 58 6.00 -17.26 -20.85
C THR J 58 6.17 -15.80 -20.47
N ILE J 59 7.35 -15.46 -19.97
CA ILE J 59 7.74 -14.10 -19.64
C ILE J 59 8.80 -13.67 -20.63
N THR J 60 8.51 -12.63 -21.41
CA THR J 60 9.35 -12.17 -22.48
C THR J 60 9.88 -10.78 -22.14
N SER J 61 10.83 -10.29 -22.94
CA SER J 61 11.32 -8.93 -22.75
C SER J 61 10.22 -7.89 -22.92
N ARG J 62 9.12 -8.23 -23.58
CA ARG J 62 8.00 -7.31 -23.67
C ARG J 62 7.22 -7.25 -22.36
N GLU J 63 7.12 -8.37 -21.65
CA GLU J 63 6.55 -8.32 -20.31
C GLU J 63 7.43 -7.52 -19.35
N ILE J 64 8.75 -7.70 -19.45
CA ILE J 64 9.65 -6.94 -18.60
C ILE J 64 9.57 -5.46 -18.94
N GLN J 65 9.49 -5.13 -20.24
CA GLN J 65 9.43 -3.74 -20.63
C GLN J 65 8.19 -3.05 -20.08
N THR J 66 7.03 -3.71 -20.19
CA THR J 66 5.81 -3.11 -19.68
C THR J 66 5.83 -3.02 -18.16
N ALA J 67 6.45 -3.99 -17.49
CA ALA J 67 6.59 -3.92 -16.04
C ALA J 67 7.44 -2.73 -15.63
N VAL J 68 8.52 -2.46 -16.39
CA VAL J 68 9.34 -1.29 -16.11
C VAL J 68 8.54 -0.01 -16.31
N ARG J 69 7.71 0.04 -17.36
CA ARG J 69 6.88 1.21 -17.60
C ARG J 69 5.88 1.43 -16.48
N LEU J 70 5.33 0.34 -15.93
CA LEU J 70 4.30 0.47 -14.91
C LEU J 70 4.88 0.89 -13.56
N LEU J 71 6.12 0.50 -13.26
CA LEU J 71 6.71 0.78 -11.96
C LEU J 71 7.54 2.06 -11.95
N LEU J 72 8.51 2.16 -12.84
CA LEU J 72 9.43 3.29 -12.81
C LEU J 72 8.73 4.57 -13.24
N PRO J 73 8.84 5.65 -12.48
CA PRO J 73 8.15 6.89 -12.85
C PRO J 73 8.99 7.83 -13.68
N GLY J 74 8.30 8.57 -14.55
CA GLY J 74 8.93 9.68 -15.24
C GLY J 74 10.06 9.26 -16.16
N GLU J 75 11.13 10.05 -16.14
CA GLU J 75 12.28 9.80 -16.99
C GLU J 75 13.07 8.57 -16.58
N LEU J 76 12.80 8.02 -15.39
CA LEU J 76 13.46 6.77 -15.00
C LEU J 76 13.06 5.63 -15.91
N ALA J 77 11.77 5.53 -16.23
CA ALA J 77 11.30 4.44 -17.08
C ALA J 77 11.76 4.62 -18.52
N LYS J 78 11.82 5.87 -19.00
CA LYS J 78 12.27 6.11 -20.37
C LYS J 78 13.70 5.66 -20.56
N HIS J 79 14.57 5.95 -19.59
CA HIS J 79 15.97 5.56 -19.71
C HIS J 79 16.17 4.09 -19.41
N ALA J 80 15.39 3.54 -18.47
CA ALA J 80 15.49 2.11 -18.18
C ALA J 80 15.05 1.28 -19.37
N VAL J 81 13.97 1.69 -20.05
CA VAL J 81 13.52 1.00 -21.25
C VAL J 81 14.55 1.10 -22.35
N SER J 82 15.14 2.28 -22.53
CA SER J 82 16.14 2.46 -23.58
C SER J 82 17.37 1.59 -23.31
N GLU J 83 17.81 1.54 -22.05
CA GLU J 83 18.97 0.72 -21.71
C GLU J 83 18.69 -0.75 -21.92
N GLY J 84 17.48 -1.20 -21.56
CA GLY J 84 17.15 -2.61 -21.72
C GLY J 84 17.10 -3.05 -23.18
N THR J 85 16.48 -2.23 -24.04
CA THR J 85 16.41 -2.58 -25.46
C THR J 85 17.79 -2.56 -26.10
N LYS J 86 18.65 -1.63 -25.68
CA LYS J 86 20.02 -1.59 -26.20
C LYS J 86 20.78 -2.86 -25.83
N ALA J 87 20.59 -3.35 -24.60
CA ALA J 87 21.27 -4.57 -24.19
C ALA J 87 20.73 -5.79 -24.93
N VAL J 88 19.41 -5.89 -25.07
CA VAL J 88 18.81 -7.03 -25.78
C VAL J 88 19.24 -7.04 -27.23
N THR J 89 19.26 -5.87 -27.88
CA THR J 89 19.72 -5.79 -29.26
C THR J 89 21.16 -6.29 -29.38
N LYS J 90 22.03 -5.87 -28.45
CA LYS J 90 23.40 -6.34 -28.47
C LYS J 90 23.48 -7.84 -28.19
N TYR J 91 22.64 -8.34 -27.28
CA TYR J 91 22.69 -9.75 -26.91
C TYR J 91 22.35 -10.66 -28.08
N THR J 92 21.31 -10.32 -28.85
CA THR J 92 20.95 -11.14 -30.00
C THR J 92 21.95 -10.97 -31.14
N SER J 93 22.32 -9.72 -31.44
CA SER J 93 23.25 -9.45 -32.53
C SER J 93 24.68 -9.81 -32.13
N ARG K 1 -30.44 -19.30 10.44
CA ARG K 1 -29.87 -20.64 10.52
C ARG K 1 -28.38 -20.60 10.81
N ARG K 2 -27.65 -19.72 10.11
CA ARG K 2 -26.21 -19.62 10.21
C ARG K 2 -25.83 -18.34 10.94
N SER K 3 -24.98 -18.48 11.96
CA SER K 3 -24.47 -17.35 12.73
C SER K 3 -23.27 -17.81 13.54
N ALA K 4 -22.27 -16.94 13.66
CA ALA K 4 -21.06 -17.29 14.42
C ALA K 4 -20.73 -16.32 15.53
N ARG K 5 -20.83 -15.02 15.30
CA ARG K 5 -20.44 -14.02 16.30
C ARG K 5 -21.41 -12.85 16.33
N ARG L 1 33.75 6.32 -16.22
CA ARG L 1 33.53 6.07 -17.64
C ARG L 1 32.07 5.76 -17.93
N ARG L 2 31.21 6.04 -16.95
CA ARG L 2 29.77 5.81 -17.10
C ARG L 2 29.03 6.97 -16.44
N SER L 3 28.57 7.91 -17.26
CA SER L 3 27.75 9.02 -16.79
C SER L 3 26.32 8.83 -17.25
N ALA L 4 25.41 9.55 -16.60
CA ALA L 4 23.98 9.40 -16.88
C ALA L 4 23.33 10.75 -17.21
N ARG L 5 22.01 10.77 -17.23
CA ARG L 5 21.26 12.01 -17.43
C ARG L 5 21.54 12.98 -16.29
N LEU L 6 21.36 14.27 -16.56
CA LEU L 6 21.57 15.29 -15.55
C LEU L 6 20.40 15.36 -14.58
#